data_2LUU
#
_entry.id   2LUU
#
_entity_poly.entity_id   1
_entity_poly.type   'polypeptide(L)'
_entity_poly.pdbx_seq_one_letter_code
;GSMKKKEKGKEPKADAECSEWQYGKCVPNSGDCGNGIREATCNEQTKKTKCKVPCNWKKDFGADCKYKFGRWAECDTTTG
TRSRSGTLKKALFNAECQTTIKVSKPCTPKTPKPKGGEKKKGKGKEN
;
_entity_poly.pdbx_strand_id   A
#
# COMPACT_ATOMS: atom_id res chain seq x y z
N GLY A 1 -37.49 -22.72 76.78
CA GLY A 1 -36.57 -22.35 75.72
C GLY A 1 -37.25 -21.60 74.60
N SER A 2 -36.59 -20.55 74.10
CA SER A 2 -37.15 -19.75 73.03
C SER A 2 -36.13 -19.57 71.91
N MET A 3 -36.27 -20.36 70.85
CA MET A 3 -35.36 -20.29 69.71
C MET A 3 -36.09 -19.83 68.46
N LYS A 4 -37.11 -18.99 68.64
CA LYS A 4 -37.89 -18.48 67.52
C LYS A 4 -37.17 -17.33 66.83
N LYS A 5 -37.34 -17.24 65.51
CA LYS A 5 -36.70 -16.18 64.73
C LYS A 5 -37.39 -16.02 63.37
N LYS A 6 -37.61 -14.78 62.97
CA LYS A 6 -38.25 -14.49 61.70
C LYS A 6 -38.13 -13.01 61.35
N GLU A 7 -37.87 -12.73 60.08
CA GLU A 7 -37.72 -11.36 59.62
C GLU A 7 -37.75 -11.28 58.10
N LYS A 8 -38.60 -10.40 57.56
CA LYS A 8 -38.73 -10.23 56.13
C LYS A 8 -39.16 -8.82 55.78
N GLY A 9 -39.12 -8.49 54.49
CA GLY A 9 -39.51 -7.16 54.05
C GLY A 9 -38.88 -6.78 52.73
N LYS A 10 -38.86 -7.72 51.80
CA LYS A 10 -38.27 -7.48 50.47
C LYS A 10 -39.03 -8.25 49.40
N GLU A 11 -40.16 -7.70 48.97
CA GLU A 11 -40.98 -8.34 47.94
C GLU A 11 -40.33 -8.19 46.57
N PRO A 12 -40.63 -9.14 45.67
CA PRO A 12 -40.09 -9.15 44.31
C PRO A 12 -40.68 -8.02 43.45
N LYS A 13 -39.82 -7.37 42.68
CA LYS A 13 -40.24 -6.28 41.82
C LYS A 13 -39.90 -6.57 40.36
N ALA A 14 -40.77 -6.12 39.46
CA ALA A 14 -40.55 -6.34 38.02
C ALA A 14 -39.55 -5.35 37.47
N ASP A 15 -39.51 -4.15 38.04
CA ASP A 15 -38.59 -3.11 37.60
C ASP A 15 -38.85 -2.74 36.14
N ALA A 16 -38.09 -1.76 35.65
CA ALA A 16 -38.24 -1.31 34.26
C ALA A 16 -37.13 -0.32 33.90
N GLU A 17 -35.91 -0.65 34.26
CA GLU A 17 -34.77 0.21 33.97
C GLU A 17 -34.27 -0.02 32.55
N CYS A 18 -33.70 1.03 31.95
CA CYS A 18 -33.19 0.94 30.59
C CYS A 18 -31.68 1.18 30.56
N SER A 19 -30.92 0.11 30.74
CA SER A 19 -29.46 0.19 30.74
C SER A 19 -28.91 -0.05 29.35
N GLU A 20 -29.71 -0.70 28.50
CA GLU A 20 -29.29 -0.99 27.13
C GLU A 20 -30.12 -0.21 26.13
N TRP A 21 -30.01 1.12 26.19
CA TRP A 21 -30.75 1.99 25.28
C TRP A 21 -30.55 1.57 23.83
N GLN A 22 -31.63 1.11 23.20
CA GLN A 22 -31.57 0.68 21.81
C GLN A 22 -31.19 1.82 20.89
N TYR A 23 -29.90 1.93 20.58
CA TYR A 23 -29.41 3.00 19.72
C TYR A 23 -29.61 2.63 18.25
N GLY A 24 -29.97 3.63 17.44
CA GLY A 24 -30.18 3.40 16.02
C GLY A 24 -28.91 3.52 15.21
N LYS A 25 -29.00 3.28 13.92
CA LYS A 25 -27.85 3.37 13.02
C LYS A 25 -27.26 4.77 13.05
N CYS A 26 -25.97 4.88 12.70
CA CYS A 26 -25.29 6.16 12.68
C CYS A 26 -25.12 6.67 11.24
N VAL A 27 -25.85 7.72 10.90
CA VAL A 27 -25.78 8.30 9.56
C VAL A 27 -25.17 9.69 9.59
N PRO A 28 -24.16 9.92 8.74
CA PRO A 28 -23.47 11.21 8.66
C PRO A 28 -24.36 12.30 8.06
N ASN A 29 -24.80 13.22 8.90
CA ASN A 29 -25.66 14.32 8.46
C ASN A 29 -24.84 15.40 7.76
N SER A 30 -23.74 15.79 8.40
CA SER A 30 -22.87 16.82 7.85
C SER A 30 -21.84 16.22 6.89
N GLY A 31 -21.82 16.73 5.66
CA GLY A 31 -20.87 16.22 4.68
C GLY A 31 -21.16 14.79 4.28
N ASP A 32 -20.17 14.12 3.71
CA ASP A 32 -20.32 12.73 3.29
C ASP A 32 -20.03 11.78 4.45
N CYS A 33 -19.13 12.19 5.33
CA CYS A 33 -18.76 11.37 6.49
C CYS A 33 -18.25 12.24 7.63
N GLY A 34 -18.44 11.78 8.86
CA GLY A 34 -17.99 12.52 10.01
C GLY A 34 -18.94 12.40 11.19
N ASN A 35 -19.59 13.51 11.54
CA ASN A 35 -20.53 13.52 12.65
C ASN A 35 -21.90 13.01 12.22
N GLY A 36 -22.23 11.80 12.64
CA GLY A 36 -23.51 11.21 12.29
C GLY A 36 -24.53 11.32 13.41
N ILE A 37 -25.76 10.91 13.13
CA ILE A 37 -26.83 10.96 14.12
C ILE A 37 -27.52 9.61 14.25
N ARG A 38 -27.88 9.26 15.48
CA ARG A 38 -28.56 7.99 15.74
C ARG A 38 -29.80 8.19 16.60
N GLU A 39 -30.87 7.48 16.27
CA GLU A 39 -32.11 7.59 17.02
C GLU A 39 -32.28 6.42 17.98
N ALA A 40 -32.57 6.75 19.24
CA ALA A 40 -32.74 5.72 20.27
C ALA A 40 -33.97 6.02 21.13
N THR A 41 -34.73 4.97 21.45
CA THR A 41 -35.92 5.12 22.26
C THR A 41 -35.95 4.10 23.40
N CYS A 42 -36.04 4.58 24.63
CA CYS A 42 -36.06 3.71 25.80
C CYS A 42 -36.86 4.36 26.93
N ASN A 43 -37.49 3.51 27.75
CA ASN A 43 -38.29 4.00 28.87
C ASN A 43 -39.58 4.67 28.37
N GLU A 44 -39.44 5.84 27.78
CA GLU A 44 -40.59 6.58 27.26
C GLU A 44 -40.16 7.93 26.70
N GLN A 45 -38.98 7.96 26.10
CA GLN A 45 -38.45 9.20 25.51
C GLN A 45 -37.57 8.90 24.30
N THR A 46 -37.49 9.85 23.39
CA THR A 46 -36.68 9.69 22.18
C THR A 46 -35.67 10.82 22.04
N LYS A 47 -34.40 10.45 21.90
CA LYS A 47 -33.33 11.45 21.75
C LYS A 47 -32.34 11.01 20.69
N LYS A 48 -31.62 11.98 20.12
CA LYS A 48 -30.64 11.70 19.09
C LYS A 48 -29.23 11.99 19.59
N THR A 49 -28.33 11.02 19.44
CA THR A 49 -26.95 11.17 19.88
C THR A 49 -26.00 11.24 18.69
N LYS A 50 -25.00 12.10 18.79
CA LYS A 50 -24.02 12.26 17.71
C LYS A 50 -22.93 11.19 17.81
N CYS A 51 -22.37 10.82 16.66
CA CYS A 51 -21.31 9.81 16.62
C CYS A 51 -20.33 10.10 15.49
N LYS A 52 -19.23 9.36 15.47
CA LYS A 52 -18.21 9.53 14.43
C LYS A 52 -18.02 8.25 13.63
N VAL A 53 -18.12 8.35 12.30
CA VAL A 53 -17.97 7.20 11.43
C VAL A 53 -16.50 7.04 11.01
N PRO A 54 -16.11 5.79 10.72
CA PRO A 54 -14.75 5.46 10.30
C PRO A 54 -14.43 5.98 8.91
N CYS A 55 -14.15 7.27 8.82
CA CYS A 55 -13.84 7.90 7.54
C CYS A 55 -12.35 8.27 7.47
N ASN A 56 -11.79 8.19 6.27
CA ASN A 56 -10.38 8.51 6.06
C ASN A 56 -10.22 9.94 5.56
N TRP A 57 -10.39 10.90 6.46
CA TRP A 57 -10.25 12.31 6.11
C TRP A 57 -9.53 13.07 7.22
N LYS A 58 -8.58 12.41 7.86
CA LYS A 58 -7.81 13.04 8.93
C LYS A 58 -6.34 13.18 8.54
N LYS A 59 -6.09 13.27 7.24
CA LYS A 59 -4.73 13.42 6.73
C LYS A 59 -4.38 14.89 6.54
N ASP A 60 -3.11 15.21 6.70
CA ASP A 60 -2.63 16.58 6.53
C ASP A 60 -1.37 16.63 5.67
N PHE A 61 -0.25 16.24 6.27
CA PHE A 61 1.03 16.23 5.56
C PHE A 61 1.66 14.84 5.58
N GLY A 62 2.90 14.75 5.10
CA GLY A 62 3.59 13.48 5.08
C GLY A 62 4.91 13.56 4.35
N ALA A 63 5.10 12.68 3.36
CA ALA A 63 6.32 12.66 2.57
C ALA A 63 6.54 13.99 1.85
N ASP A 64 5.50 14.48 1.19
CA ASP A 64 5.57 15.73 0.45
C ASP A 64 6.70 15.69 -0.57
N CYS A 65 7.06 14.49 -1.00
CA CYS A 65 8.13 14.32 -1.99
C CYS A 65 7.58 13.69 -3.27
N LYS A 66 8.12 14.13 -4.41
CA LYS A 66 7.70 13.62 -5.70
C LYS A 66 8.77 12.73 -6.31
N TYR A 67 8.44 11.47 -6.52
CA TYR A 67 9.38 10.52 -7.10
C TYR A 67 9.00 10.18 -8.54
N LYS A 68 9.97 9.67 -9.30
CA LYS A 68 9.74 9.30 -10.69
C LYS A 68 10.10 7.85 -10.94
N PHE A 69 9.11 7.02 -11.22
CA PHE A 69 9.32 5.60 -11.47
C PHE A 69 9.23 5.30 -12.97
N GLY A 70 9.85 4.20 -13.38
CA GLY A 70 9.82 3.82 -14.78
C GLY A 70 9.38 2.38 -14.98
N ARG A 71 10.28 1.44 -14.68
CA ARG A 71 9.97 0.02 -14.83
C ARG A 71 10.38 -0.75 -13.59
N TRP A 72 10.49 -2.07 -13.73
CA TRP A 72 10.88 -2.93 -12.62
C TRP A 72 11.98 -3.89 -13.03
N ALA A 73 12.63 -3.60 -14.15
CA ALA A 73 13.71 -4.44 -14.65
C ALA A 73 13.25 -5.89 -14.79
N GLU A 74 14.19 -6.77 -15.15
CA GLU A 74 13.89 -8.19 -15.32
C GLU A 74 13.95 -8.91 -13.97
N CYS A 75 13.30 -10.07 -13.91
CA CYS A 75 13.28 -10.87 -12.69
C CYS A 75 14.60 -11.59 -12.48
N ASP A 76 15.12 -11.53 -11.26
CA ASP A 76 16.38 -12.19 -10.94
C ASP A 76 16.14 -13.52 -10.22
N THR A 77 16.69 -14.60 -10.78
CA THR A 77 16.53 -15.92 -10.20
C THR A 77 17.33 -16.05 -8.91
N THR A 78 18.36 -15.23 -8.77
CA THR A 78 19.20 -15.25 -7.58
C THR A 78 18.37 -15.16 -6.31
N THR A 79 17.86 -13.96 -6.03
CA THR A 79 17.05 -13.73 -4.85
C THR A 79 15.56 -13.88 -5.17
N GLY A 80 15.26 -14.08 -6.45
CA GLY A 80 13.87 -14.23 -6.85
C GLY A 80 13.13 -12.91 -6.92
N THR A 81 13.85 -11.82 -6.64
CA THR A 81 13.25 -10.50 -6.66
C THR A 81 14.12 -9.52 -7.44
N ARG A 82 13.50 -8.47 -7.98
CA ARG A 82 14.23 -7.46 -8.74
C ARG A 82 14.15 -6.09 -8.05
N SER A 83 15.23 -5.32 -8.16
CA SER A 83 15.28 -4.01 -7.55
C SER A 83 15.18 -2.91 -8.61
N ARG A 84 14.46 -1.84 -8.28
CA ARG A 84 14.28 -0.72 -9.21
C ARG A 84 14.76 0.58 -8.57
N SER A 85 15.39 1.44 -9.38
CA SER A 85 15.89 2.72 -8.90
C SER A 85 15.15 3.88 -9.57
N GLY A 86 14.60 4.77 -8.74
CA GLY A 86 13.87 5.91 -9.26
C GLY A 86 14.51 7.22 -8.88
N THR A 87 14.13 8.30 -9.57
CA THR A 87 14.67 9.62 -9.30
C THR A 87 13.57 10.60 -8.92
N LEU A 88 13.81 11.39 -7.89
CA LEU A 88 12.84 12.38 -7.42
C LEU A 88 13.17 13.76 -7.96
N LYS A 89 12.13 14.53 -8.28
CA LYS A 89 12.31 15.88 -8.80
C LYS A 89 12.13 16.92 -7.71
N LYS A 90 11.03 16.81 -6.97
CA LYS A 90 10.74 17.74 -5.88
C LYS A 90 11.08 17.12 -4.53
N ALA A 91 11.91 17.81 -3.75
CA ALA A 91 12.30 17.32 -2.44
C ALA A 91 11.34 17.81 -1.36
N LEU A 92 11.52 19.06 -0.93
CA LEU A 92 10.67 19.64 0.09
C LEU A 92 10.57 18.72 1.32
N PHE A 93 9.64 19.03 2.21
CA PHE A 93 9.44 18.23 3.41
C PHE A 93 10.69 18.24 4.29
N ASN A 94 10.62 18.97 5.39
CA ASN A 94 11.74 19.06 6.31
C ASN A 94 12.91 19.82 5.67
N ALA A 95 13.65 19.14 4.81
CA ALA A 95 14.78 19.75 4.13
C ALA A 95 14.91 19.23 2.70
N GLU A 96 15.31 17.97 2.56
CA GLU A 96 15.47 17.36 1.25
C GLU A 96 15.18 15.86 1.30
N CYS A 97 14.73 15.31 0.18
CA CYS A 97 14.42 13.89 0.11
C CYS A 97 15.53 13.12 -0.61
N GLN A 98 15.50 11.80 -0.50
CA GLN A 98 16.50 10.95 -1.13
C GLN A 98 16.54 11.19 -2.63
N THR A 99 17.76 11.23 -3.19
CA THR A 99 17.94 11.46 -4.61
C THR A 99 17.79 10.17 -5.40
N THR A 100 17.43 9.09 -4.70
CA THR A 100 17.26 7.79 -5.33
C THR A 100 16.43 6.86 -4.46
N ILE A 101 15.70 5.96 -5.08
CA ILE A 101 14.87 5.00 -4.37
C ILE A 101 15.35 3.57 -4.58
N LYS A 102 15.30 2.77 -3.52
CA LYS A 102 15.72 1.38 -3.60
C LYS A 102 14.58 0.43 -3.23
N VAL A 103 13.81 0.02 -4.23
CA VAL A 103 12.69 -0.89 -4.00
C VAL A 103 13.00 -2.28 -4.56
N SER A 104 12.31 -3.28 -4.02
CA SER A 104 12.50 -4.66 -4.46
C SER A 104 11.21 -5.46 -4.30
N LYS A 105 10.93 -6.32 -5.28
CA LYS A 105 9.73 -7.14 -5.26
C LYS A 105 9.96 -8.44 -6.02
N PRO A 106 9.48 -9.56 -5.44
CA PRO A 106 9.61 -10.88 -6.05
C PRO A 106 8.74 -11.05 -7.29
N CYS A 107 9.36 -11.46 -8.39
CA CYS A 107 8.64 -11.65 -9.64
C CYS A 107 9.21 -12.84 -10.43
N THR A 108 8.35 -13.54 -11.14
CA THR A 108 8.76 -14.70 -11.92
C THR A 108 9.06 -14.30 -13.37
N PRO A 109 10.03 -14.99 -14.00
CA PRO A 109 10.43 -14.72 -15.38
C PRO A 109 9.35 -15.14 -16.38
N LYS A 110 8.78 -16.32 -16.17
CA LYS A 110 7.73 -16.83 -17.05
C LYS A 110 7.13 -18.11 -16.48
N THR A 111 6.21 -18.71 -17.24
CA THR A 111 5.56 -19.94 -16.82
C THR A 111 4.92 -19.77 -15.45
N PRO A 112 3.78 -19.03 -15.42
CA PRO A 112 3.05 -18.78 -14.18
C PRO A 112 2.35 -20.03 -13.65
N LYS A 113 3.04 -20.76 -12.78
CA LYS A 113 2.49 -21.98 -12.20
C LYS A 113 1.68 -21.67 -10.93
N PRO A 114 0.82 -22.62 -10.54
CA PRO A 114 -0.03 -22.46 -9.35
C PRO A 114 0.78 -22.52 -8.05
N LYS A 115 0.31 -21.83 -7.03
CA LYS A 115 0.98 -21.80 -5.73
C LYS A 115 1.04 -23.21 -5.14
N GLY A 116 0.02 -24.02 -5.43
CA GLY A 116 -0.02 -25.37 -4.91
C GLY A 116 -1.23 -26.15 -5.40
N GLY A 117 -2.35 -25.46 -5.54
CA GLY A 117 -3.57 -26.10 -6.00
C GLY A 117 -3.94 -27.31 -5.16
N GLU A 118 -4.99 -28.02 -5.58
CA GLU A 118 -5.45 -29.19 -4.86
C GLU A 118 -6.44 -29.99 -5.69
N LYS A 119 -6.35 -31.31 -5.62
CA LYS A 119 -7.24 -32.19 -6.36
C LYS A 119 -7.66 -33.39 -5.51
N LYS A 120 -8.95 -33.46 -5.20
CA LYS A 120 -9.48 -34.55 -4.39
C LYS A 120 -10.82 -35.04 -4.94
N LYS A 121 -10.90 -36.33 -5.25
CA LYS A 121 -12.13 -36.92 -5.79
C LYS A 121 -13.00 -37.45 -4.66
N GLY A 122 -14.09 -38.12 -5.04
CA GLY A 122 -15.00 -38.68 -4.05
C GLY A 122 -15.67 -39.95 -4.53
N LYS A 123 -14.98 -41.08 -4.37
CA LYS A 123 -15.53 -42.37 -4.79
C LYS A 123 -16.29 -43.04 -3.66
N GLY A 124 -17.52 -43.42 -3.93
CA GLY A 124 -18.34 -44.08 -2.92
C GLY A 124 -19.15 -45.23 -3.48
N LYS A 125 -19.60 -46.12 -2.60
CA LYS A 125 -20.40 -47.27 -3.02
C LYS A 125 -21.82 -47.18 -2.47
N GLU A 126 -22.80 -47.34 -3.35
CA GLU A 126 -24.20 -47.27 -2.96
C GLU A 126 -24.60 -48.53 -2.18
N ASN A 127 -23.94 -49.64 -2.49
CA ASN A 127 -24.24 -50.91 -1.83
C ASN A 127 -23.01 -51.81 -1.83
N GLY A 1 19.57 94.16 0.33
CA GLY A 1 21.00 94.30 0.50
C GLY A 1 21.77 93.23 -0.26
N SER A 2 22.06 93.50 -1.53
CA SER A 2 22.79 92.54 -2.36
C SER A 2 22.12 91.18 -2.34
N MET A 3 20.93 91.10 -2.92
CA MET A 3 20.18 89.85 -2.97
C MET A 3 21.00 88.75 -3.64
N LYS A 4 21.20 88.88 -4.95
CA LYS A 4 21.96 87.90 -5.71
C LYS A 4 21.38 86.50 -5.55
N LYS A 5 20.36 86.20 -6.35
CA LYS A 5 19.72 84.89 -6.30
C LYS A 5 19.89 84.14 -7.61
N LYS A 6 20.72 83.10 -7.58
CA LYS A 6 20.98 82.29 -8.77
C LYS A 6 21.08 80.81 -8.41
N GLU A 7 21.07 79.96 -9.44
CA GLU A 7 21.17 78.52 -9.23
C GLU A 7 20.01 78.02 -8.37
N LYS A 8 20.00 76.71 -8.12
CA LYS A 8 18.94 76.10 -7.31
C LYS A 8 19.52 75.49 -6.05
N GLY A 9 18.66 75.16 -5.09
CA GLY A 9 19.09 74.56 -3.85
C GLY A 9 18.18 73.45 -3.38
N LYS A 10 18.76 72.39 -2.84
CA LYS A 10 17.99 71.25 -2.35
C LYS A 10 17.91 71.26 -0.83
N GLU A 11 16.72 71.53 -0.31
CA GLU A 11 16.51 71.56 1.14
C GLU A 11 16.53 70.15 1.72
N PRO A 12 16.90 70.07 3.01
CA PRO A 12 16.97 68.78 3.72
C PRO A 12 15.59 68.18 3.97
N LYS A 13 15.27 67.12 3.25
CA LYS A 13 13.98 66.45 3.39
C LYS A 13 13.78 65.96 4.83
N ALA A 14 12.81 66.58 5.52
CA ALA A 14 12.52 66.20 6.90
C ALA A 14 11.97 64.78 6.98
N ASP A 15 11.20 64.38 5.97
CA ASP A 15 10.63 63.04 5.94
C ASP A 15 9.71 62.82 7.13
N ALA A 16 9.05 61.66 7.14
CA ALA A 16 8.14 61.32 8.24
C ALA A 16 8.29 59.86 8.64
N GLU A 17 8.00 59.56 9.89
CA GLU A 17 8.10 58.19 10.40
C GLU A 17 6.84 57.39 10.07
N CYS A 18 6.93 56.07 10.23
CA CYS A 18 5.81 55.20 9.96
C CYS A 18 5.61 54.19 11.09
N SER A 19 4.73 54.53 12.03
CA SER A 19 4.45 53.66 13.16
C SER A 19 3.32 52.70 12.84
N GLU A 20 2.45 53.10 11.90
CA GLU A 20 1.33 52.27 11.50
C GLU A 20 1.53 51.72 10.09
N TRP A 21 2.53 50.85 9.95
CA TRP A 21 2.82 50.25 8.66
C TRP A 21 1.60 49.57 8.07
N GLN A 22 1.09 50.11 6.98
CA GLN A 22 -0.09 49.56 6.32
C GLN A 22 0.19 48.17 5.77
N TYR A 23 -0.23 47.15 6.52
CA TYR A 23 -0.01 45.76 6.11
C TYR A 23 -1.08 45.32 5.11
N GLY A 24 -0.70 44.43 4.21
CA GLY A 24 -1.64 43.94 3.21
C GLY A 24 -2.30 42.64 3.63
N LYS A 25 -3.07 42.05 2.73
CA LYS A 25 -3.77 40.80 3.02
C LYS A 25 -2.78 39.69 3.35
N CYS A 26 -3.24 38.69 4.08
CA CYS A 26 -2.40 37.56 4.47
C CYS A 26 -2.72 36.32 3.64
N VAL A 27 -1.80 35.93 2.77
CA VAL A 27 -1.98 34.76 1.92
C VAL A 27 -1.00 33.65 2.29
N PRO A 28 -1.53 32.43 2.49
CA PRO A 28 -0.73 31.27 2.85
C PRO A 28 0.15 30.79 1.70
N ASN A 29 1.46 30.97 1.84
CA ASN A 29 2.41 30.56 0.81
C ASN A 29 2.80 29.09 0.98
N SER A 30 2.74 28.61 2.22
CA SER A 30 3.08 27.23 2.52
C SER A 30 1.85 26.32 2.44
N GLY A 31 1.54 25.86 1.23
CA GLY A 31 0.40 25.00 1.06
C GLY A 31 -0.90 25.78 0.92
N ASP A 32 -1.97 25.26 1.51
CA ASP A 32 -3.28 25.91 1.45
C ASP A 32 -3.44 26.88 2.63
N CYS A 33 -2.86 26.53 3.76
CA CYS A 33 -2.95 27.36 4.96
C CYS A 33 -1.76 27.12 5.88
N GLY A 34 -1.38 28.16 6.63
CA GLY A 34 -0.26 28.04 7.55
C GLY A 34 0.45 29.36 7.77
N ASN A 35 1.71 29.43 7.33
CA ASN A 35 2.51 30.64 7.48
C ASN A 35 2.42 31.50 6.23
N GLY A 36 1.39 32.35 6.17
CA GLY A 36 1.22 33.23 5.02
C GLY A 36 2.11 34.45 5.08
N ILE A 37 1.94 35.35 4.11
CA ILE A 37 2.74 36.56 4.07
C ILE A 37 1.89 37.76 3.66
N ARG A 38 2.22 38.93 4.19
CA ARG A 38 1.49 40.15 3.89
C ARG A 38 2.44 41.27 3.46
N GLU A 39 2.15 41.87 2.31
CA GLU A 39 2.99 42.95 1.79
C GLU A 39 2.54 44.29 2.35
N ALA A 40 3.52 45.10 2.77
CA ALA A 40 3.24 46.41 3.34
C ALA A 40 4.17 47.47 2.77
N THR A 41 3.66 48.69 2.59
CA THR A 41 4.45 49.78 2.06
C THR A 41 4.30 51.04 2.91
N CYS A 42 5.42 51.48 3.48
CA CYS A 42 5.42 52.67 4.33
C CYS A 42 6.73 53.43 4.19
N ASN A 43 6.67 54.74 4.38
CA ASN A 43 7.85 55.59 4.28
C ASN A 43 8.31 55.71 2.82
N GLU A 44 8.85 54.62 2.28
CA GLU A 44 9.34 54.61 0.90
C GLU A 44 9.98 53.26 0.57
N GLN A 45 9.43 52.19 1.13
CA GLN A 45 9.95 50.85 0.89
C GLN A 45 8.84 49.81 1.00
N THR A 46 9.02 48.69 0.30
CA THR A 46 8.03 47.61 0.31
C THR A 46 8.63 46.34 0.89
N LYS A 47 7.96 45.78 1.90
CA LYS A 47 8.42 44.56 2.54
C LYS A 47 7.24 43.67 2.90
N LYS A 48 7.47 42.36 2.88
CA LYS A 48 6.43 41.39 3.21
C LYS A 48 6.70 40.73 4.56
N THR A 49 5.68 40.66 5.41
CA THR A 49 5.82 40.05 6.73
C THR A 49 5.03 38.75 6.81
N LYS A 50 5.64 37.75 7.44
CA LYS A 50 5.00 36.44 7.59
C LYS A 50 3.93 36.48 8.68
N CYS A 51 2.88 35.69 8.51
CA CYS A 51 1.79 35.62 9.48
C CYS A 51 1.18 34.23 9.53
N LYS A 52 0.31 34.01 10.51
CA LYS A 52 -0.35 32.72 10.66
C LYS A 52 -1.86 32.86 10.50
N VAL A 53 -2.43 32.05 9.61
CA VAL A 53 -3.87 32.08 9.37
C VAL A 53 -4.60 31.07 10.24
N PRO A 54 -5.87 31.37 10.55
CA PRO A 54 -6.70 30.50 11.38
C PRO A 54 -7.07 29.20 10.68
N CYS A 55 -6.14 28.26 10.63
CA CYS A 55 -6.37 26.97 9.99
C CYS A 55 -6.49 25.85 11.02
N ASN A 56 -7.24 24.81 10.67
CA ASN A 56 -7.44 23.69 11.57
C ASN A 56 -6.58 22.49 11.14
N TRP A 57 -5.40 22.39 11.74
CA TRP A 57 -4.48 21.29 11.42
C TRP A 57 -5.10 19.94 11.76
N LYS A 58 -4.54 18.87 11.22
CA LYS A 58 -5.04 17.53 11.47
C LYS A 58 -4.09 16.48 10.91
N LYS A 59 -4.33 15.22 11.23
CA LYS A 59 -3.50 14.12 10.75
C LYS A 59 -3.57 14.01 9.24
N ASP A 60 -2.46 14.35 8.58
CA ASP A 60 -2.39 14.28 7.12
C ASP A 60 -0.99 14.61 6.63
N PHE A 61 -0.84 14.77 5.32
CA PHE A 61 0.45 15.08 4.72
C PHE A 61 1.45 13.95 4.97
N GLY A 62 2.68 14.13 4.49
CA GLY A 62 3.70 13.13 4.67
C GLY A 62 5.09 13.67 4.41
N ALA A 63 5.74 13.15 3.36
CA ALA A 63 7.08 13.58 3.00
C ALA A 63 7.03 14.70 1.98
N ASP A 64 5.90 14.84 1.30
CA ASP A 64 5.73 15.88 0.30
C ASP A 64 6.86 15.84 -0.73
N CYS A 65 7.26 14.63 -1.11
CA CYS A 65 8.33 14.45 -2.09
C CYS A 65 7.79 13.77 -3.35
N LYS A 66 8.32 14.19 -4.50
CA LYS A 66 7.91 13.62 -5.78
C LYS A 66 8.95 12.65 -6.31
N TYR A 67 8.56 11.39 -6.45
CA TYR A 67 9.46 10.36 -6.94
C TYR A 67 9.14 10.00 -8.40
N LYS A 68 10.18 9.68 -9.17
CA LYS A 68 10.01 9.32 -10.56
C LYS A 68 10.40 7.87 -10.80
N PHE A 69 9.41 7.02 -11.07
CA PHE A 69 9.65 5.60 -11.32
C PHE A 69 9.58 5.30 -12.81
N GLY A 70 10.23 4.20 -13.20
CA GLY A 70 10.24 3.82 -14.60
C GLY A 70 9.49 2.52 -14.85
N ARG A 71 10.21 1.41 -14.89
CA ARG A 71 9.61 0.10 -15.11
C ARG A 71 10.32 -0.98 -14.30
N TRP A 72 9.55 -1.93 -13.79
CA TRP A 72 10.10 -3.02 -13.00
C TRP A 72 10.63 -4.13 -13.90
N ALA A 73 11.93 -4.08 -14.19
CA ALA A 73 12.57 -5.08 -15.03
C ALA A 73 12.35 -6.48 -14.48
N GLU A 74 12.97 -7.48 -15.12
CA GLU A 74 12.85 -8.86 -14.68
C GLU A 74 13.42 -9.05 -13.28
N CYS A 75 13.25 -10.24 -12.73
CA CYS A 75 13.74 -10.56 -11.40
C CYS A 75 15.14 -11.17 -11.46
N ASP A 76 16.02 -10.73 -10.57
CA ASP A 76 17.38 -11.24 -10.54
C ASP A 76 17.42 -12.67 -10.00
N THR A 77 18.21 -13.52 -10.65
CA THR A 77 18.32 -14.92 -10.24
C THR A 77 18.82 -15.03 -8.80
N THR A 78 19.43 -13.96 -8.30
CA THR A 78 19.95 -13.94 -6.94
C THR A 78 18.88 -14.36 -5.93
N THR A 79 17.94 -13.46 -5.67
CA THR A 79 16.86 -13.75 -4.72
C THR A 79 15.52 -13.85 -5.44
N GLY A 80 15.57 -13.88 -6.77
CA GLY A 80 14.34 -13.98 -7.54
C GLY A 80 13.40 -12.81 -7.31
N THR A 81 13.93 -11.59 -7.44
CA THR A 81 13.12 -10.40 -7.22
C THR A 81 13.51 -9.30 -8.22
N ARG A 82 12.56 -8.42 -8.50
CA ARG A 82 12.79 -7.32 -9.43
C ARG A 82 12.95 -6.00 -8.69
N SER A 83 14.07 -5.32 -8.92
CA SER A 83 14.35 -4.05 -8.28
C SER A 83 14.19 -2.89 -9.26
N ARG A 84 13.71 -1.76 -8.76
CA ARG A 84 13.51 -0.58 -9.59
C ARG A 84 14.17 0.65 -8.97
N SER A 85 14.74 1.50 -9.82
CA SER A 85 15.41 2.70 -9.36
C SER A 85 14.71 3.96 -9.88
N GLY A 86 14.34 4.85 -8.97
CA GLY A 86 13.66 6.07 -9.36
C GLY A 86 14.47 7.31 -9.02
N THR A 87 14.30 8.36 -9.81
CA THR A 87 15.02 9.61 -9.59
C THR A 87 14.10 10.67 -9.01
N LEU A 88 14.47 11.21 -7.85
CA LEU A 88 13.68 12.25 -7.19
C LEU A 88 14.28 13.62 -7.43
N LYS A 89 13.43 14.59 -7.75
CA LYS A 89 13.87 15.96 -8.00
C LYS A 89 13.32 16.91 -6.94
N LYS A 90 12.19 16.55 -6.36
CA LYS A 90 11.55 17.37 -5.34
C LYS A 90 12.07 16.99 -3.95
N ALA A 91 12.10 17.97 -3.05
CA ALA A 91 12.57 17.74 -1.69
C ALA A 91 11.89 18.69 -0.71
N LEU A 92 10.59 18.90 -0.88
CA LEU A 92 9.83 19.79 -0.02
C LEU A 92 9.72 19.22 1.39
N PHE A 93 8.87 19.83 2.20
CA PHE A 93 8.66 19.37 3.58
C PHE A 93 9.95 19.49 4.39
N ASN A 94 10.82 20.39 3.96
CA ASN A 94 12.10 20.60 4.65
C ASN A 94 13.01 19.40 4.48
N ALA A 95 12.73 18.33 5.22
CA ALA A 95 13.52 17.12 5.16
C ALA A 95 13.68 16.63 3.71
N GLU A 96 14.88 16.79 3.17
CA GLU A 96 15.16 16.38 1.79
C GLU A 96 14.93 14.88 1.63
N CYS A 97 14.57 14.47 0.42
CA CYS A 97 14.32 13.07 0.12
C CYS A 97 15.46 12.48 -0.72
N GLN A 98 15.62 11.17 -0.63
CA GLN A 98 16.68 10.48 -1.37
C GLN A 98 16.46 10.62 -2.88
N THR A 99 17.45 11.18 -3.56
CA THR A 99 17.37 11.38 -5.00
C THR A 99 17.24 10.05 -5.74
N THR A 100 17.52 8.96 -5.03
CA THR A 100 17.45 7.62 -5.61
C THR A 100 16.66 6.68 -4.71
N ILE A 101 15.83 5.84 -5.32
CA ILE A 101 15.02 4.88 -4.58
C ILE A 101 15.43 3.45 -4.90
N LYS A 102 15.47 2.60 -3.88
CA LYS A 102 15.83 1.20 -4.05
C LYS A 102 14.69 0.28 -3.62
N VAL A 103 13.83 -0.07 -4.58
CA VAL A 103 12.70 -0.95 -4.30
C VAL A 103 12.90 -2.32 -4.93
N SER A 104 12.16 -3.31 -4.44
CA SER A 104 12.26 -4.67 -4.94
C SER A 104 10.89 -5.37 -4.91
N LYS A 105 10.78 -6.46 -5.65
CA LYS A 105 9.54 -7.22 -5.71
C LYS A 105 9.81 -8.70 -5.94
N PRO A 106 9.34 -9.55 -5.02
CA PRO A 106 9.52 -11.01 -5.10
C PRO A 106 8.71 -11.62 -6.24
N CYS A 107 9.35 -11.86 -7.36
CA CYS A 107 8.69 -12.45 -8.52
C CYS A 107 9.51 -13.61 -9.08
N THR A 108 8.82 -14.61 -9.61
CA THR A 108 9.47 -15.78 -10.18
C THR A 108 10.03 -15.48 -11.56
N PRO A 109 11.17 -16.12 -11.91
CA PRO A 109 11.82 -15.94 -13.21
C PRO A 109 11.01 -16.54 -14.35
N LYS A 110 11.48 -16.32 -15.58
CA LYS A 110 10.81 -16.84 -16.76
C LYS A 110 11.63 -17.95 -17.42
N THR A 111 10.97 -18.83 -18.16
CA THR A 111 11.63 -19.93 -18.84
C THR A 111 11.44 -19.83 -20.35
N PRO A 112 12.10 -18.84 -20.97
CA PRO A 112 12.02 -18.61 -22.41
C PRO A 112 12.73 -19.71 -23.20
N LYS A 113 12.78 -19.54 -24.53
CA LYS A 113 13.43 -20.52 -25.40
C LYS A 113 12.78 -21.89 -25.26
N PRO A 114 11.57 -22.02 -25.83
CA PRO A 114 10.81 -23.28 -25.80
C PRO A 114 11.45 -24.37 -26.66
N LYS A 115 10.76 -25.50 -26.79
CA LYS A 115 11.25 -26.61 -27.59
C LYS A 115 10.28 -26.96 -28.71
N GLY A 116 10.76 -27.68 -29.71
CA GLY A 116 9.92 -28.07 -30.83
C GLY A 116 10.67 -28.89 -31.86
N GLY A 117 10.25 -28.76 -33.13
CA GLY A 117 10.90 -29.50 -34.19
C GLY A 117 10.06 -30.66 -34.68
N GLU A 118 8.75 -30.43 -34.80
CA GLU A 118 7.84 -31.48 -35.26
C GLU A 118 8.23 -31.98 -36.65
N LYS A 119 7.78 -33.17 -36.99
CA LYS A 119 8.09 -33.77 -38.29
C LYS A 119 6.99 -33.44 -39.31
N LYS A 120 7.33 -33.52 -40.58
CA LYS A 120 6.38 -33.24 -41.65
C LYS A 120 6.17 -34.47 -42.53
N LYS A 121 5.02 -34.53 -43.18
CA LYS A 121 4.68 -35.64 -44.05
C LYS A 121 4.41 -35.17 -45.48
N GLY A 122 4.79 -36.00 -46.46
CA GLY A 122 4.57 -35.64 -47.84
C GLY A 122 3.40 -36.39 -48.47
N LYS A 123 2.92 -35.89 -49.59
CA LYS A 123 1.80 -36.51 -50.29
C LYS A 123 1.81 -36.15 -51.77
N GLY A 124 1.36 -37.09 -52.60
CA GLY A 124 1.32 -36.85 -54.03
C GLY A 124 0.75 -38.02 -54.81
N LYS A 125 0.68 -37.88 -56.12
CA LYS A 125 0.15 -38.95 -56.98
C LYS A 125 1.27 -39.73 -57.64
N GLU A 126 1.41 -40.99 -57.25
CA GLU A 126 2.44 -41.86 -57.80
C GLU A 126 2.01 -42.43 -59.16
N ASN A 127 2.96 -43.03 -59.87
CA ASN A 127 2.69 -43.62 -61.17
C ASN A 127 2.02 -42.60 -62.10
N GLY A 1 32.00 -17.74 43.10
CA GLY A 1 31.27 -18.95 42.79
C GLY A 1 29.83 -18.68 42.41
N SER A 2 28.93 -19.57 42.84
CA SER A 2 27.51 -19.43 42.53
C SER A 2 26.71 -19.10 43.78
N MET A 3 26.40 -17.82 43.97
CA MET A 3 25.65 -17.37 45.12
C MET A 3 24.25 -16.92 44.71
N LYS A 4 23.28 -17.09 45.61
CA LYS A 4 21.90 -16.71 45.35
C LYS A 4 21.36 -17.42 44.12
N LYS A 5 20.10 -17.16 43.79
CA LYS A 5 19.47 -17.78 42.63
C LYS A 5 18.09 -17.17 42.38
N LYS A 6 17.57 -17.40 41.18
CA LYS A 6 16.26 -16.88 40.81
C LYS A 6 15.20 -17.97 40.86
N GLU A 7 13.96 -17.58 41.09
CA GLU A 7 12.86 -18.54 41.17
C GLU A 7 11.53 -17.87 40.78
N LYS A 8 10.59 -18.69 40.33
CA LYS A 8 9.27 -18.18 39.93
C LYS A 8 8.27 -19.32 39.82
N GLY A 9 6.99 -18.96 39.73
CA GLY A 9 5.94 -19.97 39.63
C GLY A 9 4.64 -19.39 39.11
N LYS A 10 4.59 -19.10 37.81
CA LYS A 10 3.40 -18.54 37.19
C LYS A 10 2.65 -19.61 36.39
N GLU A 11 1.33 -19.64 36.53
CA GLU A 11 0.51 -20.61 35.81
C GLU A 11 0.23 -20.14 34.38
N PRO A 12 0.02 -21.11 33.48
CA PRO A 12 -0.26 -20.82 32.06
C PRO A 12 -1.63 -20.17 31.86
N LYS A 13 -1.81 -19.52 30.72
CA LYS A 13 -3.08 -18.86 30.39
C LYS A 13 -3.30 -18.81 28.89
N ALA A 14 -3.92 -19.85 28.35
CA ALA A 14 -4.19 -19.93 26.92
C ALA A 14 -5.42 -19.11 26.56
N ASP A 15 -6.45 -19.19 27.40
CA ASP A 15 -7.69 -18.47 27.17
C ASP A 15 -8.33 -18.90 25.85
N ALA A 16 -9.55 -18.40 25.60
CA ALA A 16 -10.27 -18.74 24.38
C ALA A 16 -11.09 -17.54 23.90
N GLU A 17 -10.42 -16.43 23.65
CA GLU A 17 -11.09 -15.22 23.18
C GLU A 17 -10.61 -14.84 21.78
N CYS A 18 -11.26 -13.84 21.18
CA CYS A 18 -10.89 -13.37 19.85
C CYS A 18 -9.83 -12.28 19.93
N SER A 19 -8.70 -12.52 19.28
CA SER A 19 -7.61 -11.56 19.27
C SER A 19 -7.36 -11.02 17.87
N GLU A 20 -7.67 -11.84 16.87
CA GLU A 20 -7.49 -11.45 15.47
C GLU A 20 -8.83 -11.36 14.75
N TRP A 21 -9.67 -10.44 15.21
CA TRP A 21 -10.98 -10.25 14.61
C TRP A 21 -10.87 -10.06 13.10
N GLN A 22 -11.82 -10.63 12.37
CA GLN A 22 -11.82 -10.53 10.91
C GLN A 22 -12.83 -9.49 10.44
N TYR A 23 -12.34 -8.30 10.09
CA TYR A 23 -13.20 -7.23 9.63
C TYR A 23 -13.53 -7.39 8.15
N GLY A 24 -14.71 -6.92 7.76
CA GLY A 24 -15.12 -7.02 6.36
C GLY A 24 -14.89 -5.73 5.60
N LYS A 25 -15.43 -5.66 4.38
CA LYS A 25 -15.28 -4.47 3.55
C LYS A 25 -15.87 -3.25 4.24
N CYS A 26 -15.39 -2.07 3.84
CA CYS A 26 -15.87 -0.82 4.41
C CYS A 26 -16.81 -0.10 3.45
N VAL A 27 -18.09 -0.06 3.81
CA VAL A 27 -19.09 0.60 2.98
C VAL A 27 -19.65 1.84 3.67
N PRO A 28 -19.61 2.98 2.97
CA PRO A 28 -20.10 4.25 3.50
C PRO A 28 -21.63 4.28 3.61
N ASN A 29 -22.29 3.52 2.74
CA ASN A 29 -23.75 3.45 2.75
C ASN A 29 -24.36 4.85 2.74
N SER A 30 -23.65 5.79 2.10
CA SER A 30 -24.13 7.17 2.02
C SER A 30 -23.15 8.02 1.23
N GLY A 31 -23.64 9.14 0.71
CA GLY A 31 -22.79 10.04 -0.06
C GLY A 31 -22.05 9.32 -1.18
N ASP A 32 -20.77 9.05 -0.96
CA ASP A 32 -19.95 8.37 -1.95
C ASP A 32 -18.78 7.65 -1.29
N CYS A 33 -17.99 8.40 -0.53
CA CYS A 33 -16.84 7.84 0.16
C CYS A 33 -16.48 8.67 1.40
N GLY A 34 -15.92 8.00 2.40
CA GLY A 34 -15.54 8.69 3.63
C GLY A 34 -15.41 7.75 4.80
N ASN A 35 -16.10 8.07 5.89
CA ASN A 35 -16.06 7.24 7.09
C ASN A 35 -17.24 6.26 7.13
N GLY A 36 -17.06 5.12 6.49
CA GLY A 36 -18.12 4.12 6.46
C GLY A 36 -18.08 3.19 7.66
N ILE A 37 -18.55 1.96 7.47
CA ILE A 37 -18.56 0.99 8.54
C ILE A 37 -18.15 -0.40 8.04
N ARG A 38 -17.60 -1.22 8.93
CA ARG A 38 -17.17 -2.56 8.58
C ARG A 38 -17.78 -3.60 9.51
N GLU A 39 -18.18 -4.73 8.94
CA GLU A 39 -18.79 -5.80 9.73
C GLU A 39 -17.80 -6.94 9.93
N ALA A 40 -17.74 -7.45 11.16
CA ALA A 40 -16.84 -8.54 11.50
C ALA A 40 -17.59 -9.69 12.17
N THR A 41 -17.09 -10.90 11.98
CA THR A 41 -17.71 -12.08 12.56
C THR A 41 -16.70 -12.91 13.34
N CYS A 42 -16.91 -13.02 14.65
CA CYS A 42 -16.00 -13.78 15.51
C CYS A 42 -16.67 -14.10 16.85
N ASN A 43 -16.43 -15.31 17.35
CA ASN A 43 -17.02 -15.74 18.61
C ASN A 43 -18.53 -15.80 18.52
N GLU A 44 -19.05 -15.72 17.31
CA GLU A 44 -20.49 -15.76 17.09
C GLU A 44 -21.16 -14.48 17.57
N GLN A 45 -21.11 -13.45 16.73
CA GLN A 45 -21.72 -12.16 17.08
C GLN A 45 -21.50 -11.15 15.96
N THR A 46 -22.31 -10.10 15.96
CA THR A 46 -22.22 -9.06 14.94
C THR A 46 -21.85 -7.71 15.56
N LYS A 47 -20.78 -7.10 15.06
CA LYS A 47 -20.33 -5.81 15.57
C LYS A 47 -19.96 -4.87 14.41
N LYS A 48 -20.48 -3.65 14.46
CA LYS A 48 -20.20 -2.67 13.42
C LYS A 48 -19.18 -1.65 13.90
N THR A 49 -18.13 -1.44 13.12
CA THR A 49 -17.07 -0.50 13.46
C THR A 49 -16.78 0.44 12.29
N LYS A 50 -16.76 1.74 12.57
CA LYS A 50 -16.48 2.74 11.55
C LYS A 50 -15.17 2.44 10.84
N CYS A 51 -15.19 2.48 9.51
CA CYS A 51 -14.00 2.22 8.72
C CYS A 51 -13.81 3.29 7.64
N LYS A 52 -12.56 3.57 7.31
CA LYS A 52 -12.25 4.57 6.29
C LYS A 52 -11.96 3.91 4.95
N VAL A 53 -12.63 4.40 3.91
CA VAL A 53 -12.44 3.86 2.56
C VAL A 53 -11.33 4.59 1.83
N PRO A 54 -10.67 3.89 0.89
CA PRO A 54 -9.59 4.46 0.09
C PRO A 54 -10.07 5.50 -0.90
N CYS A 55 -10.35 6.70 -0.41
CA CYS A 55 -10.82 7.79 -1.25
C CYS A 55 -9.78 8.88 -1.37
N ASN A 56 -9.84 9.64 -2.46
CA ASN A 56 -8.89 10.73 -2.69
C ASN A 56 -8.83 11.66 -1.49
N TRP A 57 -7.64 11.78 -0.91
CA TRP A 57 -7.44 12.64 0.25
C TRP A 57 -6.22 13.54 0.06
N LYS A 58 -5.94 14.36 1.06
CA LYS A 58 -4.79 15.27 1.01
C LYS A 58 -3.59 14.68 1.73
N LYS A 59 -3.67 14.59 3.05
CA LYS A 59 -2.60 14.04 3.85
C LYS A 59 -1.33 14.89 3.73
N ASP A 60 -1.04 15.66 4.77
CA ASP A 60 0.14 16.51 4.79
C ASP A 60 1.12 16.07 5.87
N PHE A 61 1.23 14.76 6.06
CA PHE A 61 2.13 14.22 7.07
C PHE A 61 2.74 12.90 6.60
N GLY A 62 3.89 12.98 5.96
CA GLY A 62 4.56 11.78 5.46
C GLY A 62 5.74 12.10 4.58
N ALA A 63 5.66 11.73 3.31
CA ALA A 63 6.73 11.98 2.37
C ALA A 63 6.58 13.35 1.71
N ASP A 64 5.38 13.65 1.24
CA ASP A 64 5.12 14.93 0.59
C ASP A 64 6.15 15.22 -0.50
N CYS A 65 6.66 14.16 -1.11
CA CYS A 65 7.65 14.30 -2.17
C CYS A 65 7.22 13.57 -3.43
N LYS A 66 7.54 14.16 -4.58
CA LYS A 66 7.17 13.57 -5.87
C LYS A 66 8.33 12.76 -6.43
N TYR A 67 8.11 11.46 -6.61
CA TYR A 67 9.13 10.57 -7.15
C TYR A 67 8.87 10.26 -8.61
N LYS A 68 9.86 9.68 -9.28
CA LYS A 68 9.74 9.32 -10.68
C LYS A 68 10.20 7.89 -10.92
N PHE A 69 9.24 7.01 -11.23
CA PHE A 69 9.55 5.61 -11.49
C PHE A 69 9.53 5.31 -12.99
N GLY A 70 10.21 4.24 -13.38
CA GLY A 70 10.26 3.87 -14.78
C GLY A 70 9.81 2.44 -15.02
N ARG A 71 10.69 1.49 -14.76
CA ARG A 71 10.38 0.08 -14.94
C ARG A 71 10.71 -0.73 -13.69
N TRP A 72 10.83 -2.04 -13.85
CA TRP A 72 11.14 -2.92 -12.73
C TRP A 72 12.25 -3.89 -13.09
N ALA A 73 12.95 -3.60 -14.18
CA ALA A 73 14.05 -4.46 -14.63
C ALA A 73 13.58 -5.91 -14.78
N GLU A 74 14.52 -6.79 -15.09
CA GLU A 74 14.21 -8.21 -15.27
C GLU A 74 14.18 -8.92 -13.93
N CYS A 75 13.55 -10.09 -13.90
CA CYS A 75 13.45 -10.89 -12.67
C CYS A 75 14.77 -11.60 -12.38
N ASP A 76 15.23 -11.49 -11.14
CA ASP A 76 16.47 -12.13 -10.72
C ASP A 76 16.19 -13.43 -9.97
N THR A 77 16.77 -14.52 -10.44
CA THR A 77 16.58 -15.82 -9.82
C THR A 77 17.30 -15.89 -8.48
N THR A 78 18.30 -15.03 -8.30
CA THR A 78 19.07 -15.00 -7.07
C THR A 78 18.16 -14.92 -5.85
N THR A 79 17.58 -13.74 -5.62
CA THR A 79 16.69 -13.53 -4.49
C THR A 79 15.22 -13.69 -4.90
N GLY A 80 15.00 -13.91 -6.20
CA GLY A 80 13.66 -14.08 -6.71
C GLY A 80 12.92 -12.76 -6.84
N THR A 81 13.61 -11.66 -6.52
CA THR A 81 13.02 -10.33 -6.61
C THR A 81 13.95 -9.36 -7.33
N ARG A 82 13.37 -8.33 -7.93
CA ARG A 82 14.15 -7.33 -8.65
C ARG A 82 14.03 -5.96 -7.98
N SER A 83 15.12 -5.19 -8.02
CA SER A 83 15.14 -3.87 -7.41
C SER A 83 15.13 -2.78 -8.49
N ARG A 84 14.40 -1.69 -8.22
CA ARG A 84 14.31 -0.59 -9.16
C ARG A 84 14.77 0.71 -8.51
N SER A 85 15.45 1.55 -9.29
CA SER A 85 15.94 2.82 -8.79
C SER A 85 15.27 3.99 -9.51
N GLY A 86 14.67 4.90 -8.74
CA GLY A 86 14.01 6.04 -9.32
C GLY A 86 14.58 7.37 -8.83
N THR A 87 14.15 8.46 -9.44
CA THR A 87 14.63 9.79 -9.06
C THR A 87 13.47 10.72 -8.74
N LEU A 88 13.66 11.57 -7.74
CA LEU A 88 12.62 12.52 -7.33
C LEU A 88 12.85 13.88 -7.97
N LYS A 89 11.76 14.55 -8.31
CA LYS A 89 11.84 15.87 -8.93
C LYS A 89 11.91 16.97 -7.87
N LYS A 90 10.77 17.24 -7.23
CA LYS A 90 10.71 18.26 -6.19
C LYS A 90 11.21 17.71 -4.86
N ALA A 91 12.20 18.40 -4.28
CA ALA A 91 12.78 18.00 -3.01
C ALA A 91 12.05 18.66 -1.85
N LEU A 92 11.09 17.95 -1.27
CA LEU A 92 10.32 18.48 -0.15
C LEU A 92 10.59 17.66 1.12
N PHE A 93 9.83 17.94 2.17
CA PHE A 93 9.99 17.25 3.44
C PHE A 93 11.39 17.46 4.00
N ASN A 94 11.49 18.31 5.01
CA ASN A 94 12.77 18.61 5.64
C ASN A 94 13.71 19.28 4.66
N ALA A 95 14.99 19.34 5.02
CA ALA A 95 16.01 19.95 4.17
C ALA A 95 15.85 19.49 2.71
N GLU A 96 15.51 18.23 2.54
CA GLU A 96 15.33 17.67 1.20
C GLU A 96 14.96 16.19 1.28
N CYS A 97 14.52 15.63 0.15
CA CYS A 97 14.14 14.23 0.10
C CYS A 97 15.23 13.38 -0.55
N GLN A 98 15.11 12.06 -0.42
CA GLN A 98 16.09 11.15 -1.00
C GLN A 98 16.23 11.39 -2.50
N THR A 99 17.48 11.40 -2.97
CA THR A 99 17.75 11.61 -4.38
C THR A 99 17.68 10.31 -5.17
N THR A 100 17.22 9.26 -4.50
CA THR A 100 17.09 7.95 -5.13
C THR A 100 16.19 7.03 -4.33
N ILE A 101 15.50 6.12 -5.01
CA ILE A 101 14.60 5.18 -4.35
C ILE A 101 15.09 3.74 -4.52
N LYS A 102 14.94 2.95 -3.46
CA LYS A 102 15.36 1.55 -3.49
C LYS A 102 14.18 0.62 -3.20
N VAL A 103 13.49 0.21 -4.24
CA VAL A 103 12.34 -0.69 -4.09
C VAL A 103 12.66 -2.08 -4.62
N SER A 104 11.93 -3.07 -4.13
CA SER A 104 12.14 -4.45 -4.54
C SER A 104 10.83 -5.24 -4.48
N LYS A 105 10.63 -6.11 -5.46
CA LYS A 105 9.42 -6.93 -5.52
C LYS A 105 9.69 -8.25 -6.23
N PRO A 106 9.17 -9.35 -5.66
CA PRO A 106 9.35 -10.69 -6.23
C PRO A 106 8.56 -10.87 -7.53
N CYS A 107 9.25 -11.33 -8.57
CA CYS A 107 8.62 -11.55 -9.87
C CYS A 107 9.23 -12.76 -10.57
N THR A 108 8.40 -13.48 -11.33
CA THR A 108 8.86 -14.66 -12.05
C THR A 108 9.26 -14.31 -13.47
N PRO A 109 10.25 -15.03 -14.01
CA PRO A 109 10.76 -14.81 -15.36
C PRO A 109 9.75 -15.25 -16.43
N LYS A 110 8.82 -16.11 -16.04
CA LYS A 110 7.80 -16.60 -16.96
C LYS A 110 8.43 -17.29 -18.16
N THR A 111 9.00 -18.46 -17.93
CA THR A 111 9.65 -19.22 -19.00
C THR A 111 9.20 -20.68 -18.99
N PRO A 112 9.36 -21.36 -20.13
CA PRO A 112 8.98 -22.77 -20.28
C PRO A 112 9.88 -23.70 -19.47
N LYS A 113 9.27 -24.47 -18.57
CA LYS A 113 10.01 -25.41 -17.74
C LYS A 113 10.91 -26.30 -18.59
N PRO A 114 11.97 -26.85 -17.97
CA PRO A 114 12.91 -27.74 -18.65
C PRO A 114 12.30 -29.09 -19.01
N LYS A 115 11.38 -29.55 -18.17
CA LYS A 115 10.71 -30.82 -18.39
C LYS A 115 9.54 -31.01 -17.42
N GLY A 116 8.73 -32.02 -17.68
CA GLY A 116 7.59 -32.29 -16.82
C GLY A 116 6.95 -33.62 -17.10
N GLY A 117 5.62 -33.63 -17.23
CA GLY A 117 4.91 -34.86 -17.50
C GLY A 117 5.01 -35.86 -16.37
N GLU A 118 4.02 -35.87 -15.49
CA GLU A 118 4.02 -36.78 -14.35
C GLU A 118 3.66 -38.20 -14.80
N LYS A 119 3.73 -39.14 -13.86
CA LYS A 119 3.41 -40.53 -14.15
C LYS A 119 2.03 -40.90 -13.61
N LYS A 120 1.14 -41.33 -14.50
CA LYS A 120 -0.20 -41.72 -14.12
C LYS A 120 -0.21 -43.11 -13.49
N LYS A 121 -1.39 -43.59 -13.14
CA LYS A 121 -1.54 -44.92 -12.54
C LYS A 121 -0.71 -45.03 -11.27
N GLY A 122 -0.70 -46.22 -10.68
CA GLY A 122 0.06 -46.44 -9.46
C GLY A 122 -0.74 -47.13 -8.39
N LYS A 123 -1.38 -48.25 -8.76
CA LYS A 123 -2.19 -49.02 -7.82
C LYS A 123 -1.31 -49.84 -6.88
N GLY A 124 -0.12 -50.18 -7.35
CA GLY A 124 0.80 -50.97 -6.55
C GLY A 124 0.32 -52.40 -6.34
N LYS A 125 0.56 -52.92 -5.15
CA LYS A 125 0.14 -54.28 -4.82
C LYS A 125 -0.58 -54.33 -3.49
N GLU A 126 -1.15 -55.49 -3.16
CA GLU A 126 -1.88 -55.66 -1.91
C GLU A 126 -1.91 -57.13 -1.50
N ASN A 127 -1.96 -57.37 -0.19
CA ASN A 127 -2.01 -58.73 0.33
C ASN A 127 -3.40 -59.34 0.16
N GLY A 1 -26.09 -17.12 -20.06
CA GLY A 1 -25.24 -17.46 -18.94
C GLY A 1 -25.75 -18.63 -18.12
N SER A 2 -26.51 -18.34 -17.07
CA SER A 2 -27.07 -19.38 -16.21
C SER A 2 -28.57 -19.20 -16.05
N MET A 3 -28.97 -18.02 -15.58
CA MET A 3 -30.38 -17.74 -15.38
C MET A 3 -30.88 -16.72 -16.41
N LYS A 4 -30.07 -15.71 -16.69
CA LYS A 4 -30.42 -14.68 -17.66
C LYS A 4 -31.72 -14.00 -17.27
N LYS A 5 -31.72 -13.35 -16.10
CA LYS A 5 -32.89 -12.65 -15.61
C LYS A 5 -32.95 -11.23 -16.17
N LYS A 6 -34.12 -10.84 -16.66
CA LYS A 6 -34.32 -9.50 -17.21
C LYS A 6 -35.25 -8.67 -16.34
N GLU A 7 -36.50 -9.11 -16.25
CA GLU A 7 -37.49 -8.41 -15.44
C GLU A 7 -37.58 -6.95 -15.84
N LYS A 8 -37.80 -6.71 -17.13
CA LYS A 8 -37.92 -5.35 -17.65
C LYS A 8 -39.37 -4.99 -17.93
N GLY A 9 -39.68 -3.70 -17.87
CA GLY A 9 -41.03 -3.24 -18.11
C GLY A 9 -41.33 -1.91 -17.46
N LYS A 10 -41.97 -1.96 -16.29
CA LYS A 10 -42.30 -0.75 -15.55
C LYS A 10 -41.62 -0.72 -14.19
N GLU A 11 -41.29 0.49 -13.73
CA GLU A 11 -40.63 0.64 -12.44
C GLU A 11 -41.63 0.48 -11.29
N PRO A 12 -41.12 0.06 -10.12
CA PRO A 12 -41.94 -0.15 -8.93
C PRO A 12 -42.44 1.16 -8.34
N LYS A 13 -43.49 1.07 -7.52
CA LYS A 13 -44.07 2.25 -6.89
C LYS A 13 -44.59 3.23 -7.94
N ALA A 14 -45.89 3.17 -8.19
CA ALA A 14 -46.52 4.06 -9.17
C ALA A 14 -46.45 5.52 -8.72
N ASP A 15 -46.69 5.74 -7.42
CA ASP A 15 -46.66 7.08 -6.87
C ASP A 15 -46.18 7.05 -5.42
N ALA A 16 -45.02 7.66 -5.18
CA ALA A 16 -44.45 7.71 -3.83
C ALA A 16 -45.19 8.70 -2.95
N GLU A 17 -44.84 8.74 -1.67
CA GLU A 17 -45.47 9.64 -0.73
C GLU A 17 -44.49 10.72 -0.26
N CYS A 18 -44.96 11.97 -0.25
CA CYS A 18 -44.12 13.08 0.17
C CYS A 18 -42.88 13.21 -0.71
N SER A 19 -42.94 14.13 -1.66
CA SER A 19 -41.82 14.35 -2.57
C SER A 19 -40.73 15.17 -1.92
N GLU A 20 -41.14 16.16 -1.12
CA GLU A 20 -40.20 17.03 -0.42
C GLU A 20 -40.24 16.78 1.08
N TRP A 21 -39.55 15.74 1.53
CA TRP A 21 -39.51 15.40 2.94
C TRP A 21 -38.76 16.47 3.74
N GLN A 22 -39.40 16.96 4.80
CA GLN A 22 -38.79 17.99 5.64
C GLN A 22 -37.95 17.35 6.73
N TYR A 23 -36.63 17.33 6.52
CA TYR A 23 -35.71 16.75 7.50
C TYR A 23 -35.40 17.75 8.61
N GLY A 24 -35.00 17.24 9.76
CA GLY A 24 -34.67 18.09 10.88
C GLY A 24 -33.18 18.35 11.00
N LYS A 25 -32.76 18.90 12.13
CA LYS A 25 -31.35 19.21 12.37
C LYS A 25 -30.50 17.95 12.29
N CYS A 26 -29.22 18.11 12.00
CA CYS A 26 -28.30 16.99 11.89
C CYS A 26 -27.40 16.91 13.12
N VAL A 27 -27.61 15.90 13.95
CA VAL A 27 -26.82 15.71 15.15
C VAL A 27 -25.96 14.45 15.06
N PRO A 28 -24.65 14.60 15.34
CA PRO A 28 -23.70 13.48 15.29
C PRO A 28 -23.93 12.48 16.41
N ASN A 29 -24.34 11.27 16.04
CA ASN A 29 -24.58 10.23 17.03
C ASN A 29 -23.30 9.46 17.35
N SER A 30 -22.46 9.28 16.34
CA SER A 30 -21.20 8.57 16.52
C SER A 30 -20.04 9.55 16.69
N GLY A 31 -19.43 9.53 17.87
CA GLY A 31 -18.32 10.42 18.15
C GLY A 31 -18.76 11.85 18.34
N ASP A 32 -17.84 12.78 18.15
CA ASP A 32 -18.14 14.20 18.31
C ASP A 32 -18.74 14.78 17.03
N CYS A 33 -18.27 14.30 15.88
CA CYS A 33 -18.76 14.76 14.60
C CYS A 33 -18.57 13.69 13.52
N GLY A 34 -19.44 13.69 12.53
CA GLY A 34 -19.35 12.73 11.45
C GLY A 34 -20.71 12.27 10.96
N ASN A 35 -21.03 11.00 11.17
CA ASN A 35 -22.32 10.45 10.74
C ASN A 35 -23.42 10.78 11.75
N GLY A 36 -24.17 11.84 11.46
CA GLY A 36 -25.25 12.23 12.35
C GLY A 36 -26.60 11.72 11.90
N ILE A 37 -27.64 12.07 12.64
CA ILE A 37 -29.00 11.64 12.31
C ILE A 37 -29.96 12.81 12.32
N ARG A 38 -30.95 12.78 11.43
CA ARG A 38 -31.94 13.83 11.33
C ARG A 38 -33.36 13.25 11.33
N GLU A 39 -34.25 13.88 12.09
CA GLU A 39 -35.64 13.42 12.17
C GLU A 39 -36.53 14.22 11.22
N ALA A 40 -37.34 13.52 10.45
CA ALA A 40 -38.24 14.17 9.50
C ALA A 40 -39.69 13.75 9.74
N THR A 41 -40.62 14.64 9.43
CA THR A 41 -42.03 14.37 9.62
C THR A 41 -42.81 14.54 8.32
N CYS A 42 -43.39 13.45 7.83
CA CYS A 42 -44.16 13.48 6.59
C CYS A 42 -45.09 12.27 6.50
N ASN A 43 -46.31 12.50 6.03
CA ASN A 43 -47.30 11.44 5.89
C ASN A 43 -47.67 10.87 7.26
N GLU A 44 -47.27 11.56 8.31
CA GLU A 44 -47.56 11.12 9.67
C GLU A 44 -46.75 9.88 10.03
N GLN A 45 -45.49 10.09 10.42
CA GLN A 45 -44.61 8.99 10.79
C GLN A 45 -43.24 9.51 11.19
N THR A 46 -42.45 8.66 11.84
CA THR A 46 -41.12 9.03 12.29
C THR A 46 -40.05 8.17 11.59
N LYS A 47 -39.03 8.83 11.06
CA LYS A 47 -37.95 8.14 10.37
C LYS A 47 -36.64 8.91 10.53
N LYS A 48 -35.59 8.19 10.91
CA LYS A 48 -34.28 8.79 11.10
C LYS A 48 -33.35 8.46 9.92
N THR A 49 -32.75 9.49 9.35
CA THR A 49 -31.84 9.31 8.21
C THR A 49 -30.41 9.67 8.59
N LYS A 50 -29.45 9.06 7.90
CA LYS A 50 -28.04 9.33 8.17
C LYS A 50 -27.56 10.54 7.38
N CYS A 51 -26.67 11.31 7.99
CA CYS A 51 -26.13 12.51 7.35
C CYS A 51 -24.69 12.76 7.79
N LYS A 52 -24.02 13.69 7.12
CA LYS A 52 -22.63 14.03 7.45
C LYS A 52 -22.50 15.51 7.75
N VAL A 53 -21.91 15.82 8.91
CA VAL A 53 -21.72 17.20 9.33
C VAL A 53 -20.38 17.75 8.83
N PRO A 54 -20.32 19.07 8.63
CA PRO A 54 -19.11 19.74 8.15
C PRO A 54 -18.01 19.75 9.20
N CYS A 55 -17.32 18.62 9.35
CA CYS A 55 -16.24 18.50 10.33
C CYS A 55 -14.89 18.43 9.64
N ASN A 56 -13.84 18.78 10.36
CA ASN A 56 -12.48 18.75 9.81
C ASN A 56 -11.68 17.59 10.40
N TRP A 57 -11.78 16.43 9.77
CA TRP A 57 -11.07 15.24 10.22
C TRP A 57 -9.57 15.50 10.27
N LYS A 58 -8.97 15.72 9.11
CA LYS A 58 -7.54 15.97 9.02
C LYS A 58 -7.12 16.26 7.58
N LYS A 59 -6.00 16.96 7.42
CA LYS A 59 -5.49 17.30 6.10
C LYS A 59 -4.61 16.18 5.56
N ASP A 60 -3.98 16.43 4.42
CA ASP A 60 -3.09 15.45 3.81
C ASP A 60 -1.63 15.74 4.13
N PHE A 61 -1.02 14.87 4.93
CA PHE A 61 0.37 15.05 5.32
C PHE A 61 1.13 13.73 5.22
N GLY A 62 2.41 13.81 4.86
CA GLY A 62 3.22 12.62 4.73
C GLY A 62 4.62 12.92 4.23
N ALA A 63 5.05 12.20 3.19
CA ALA A 63 6.37 12.39 2.63
C ALA A 63 6.47 13.73 1.89
N ASP A 64 5.36 14.13 1.26
CA ASP A 64 5.32 15.38 0.51
C ASP A 64 6.49 15.47 -0.46
N CYS A 65 6.95 14.32 -0.93
CA CYS A 65 8.07 14.28 -1.87
C CYS A 65 7.62 13.70 -3.21
N LYS A 66 8.18 14.24 -4.29
CA LYS A 66 7.85 13.77 -5.63
C LYS A 66 8.95 12.89 -6.20
N TYR A 67 8.62 11.64 -6.49
CA TYR A 67 9.59 10.70 -7.04
C TYR A 67 9.25 10.34 -8.48
N LYS A 68 10.27 9.99 -9.25
CA LYS A 68 10.09 9.63 -10.65
C LYS A 68 10.38 8.14 -10.86
N PHE A 69 9.33 7.38 -11.17
CA PHE A 69 9.46 5.95 -11.41
C PHE A 69 9.27 5.62 -12.88
N GLY A 70 9.80 4.48 -13.31
CA GLY A 70 9.69 4.06 -14.69
C GLY A 70 9.25 2.61 -14.83
N ARG A 71 10.15 1.69 -14.54
CA ARG A 71 9.85 0.27 -14.64
C ARG A 71 10.23 -0.46 -13.35
N TRP A 72 10.37 -1.78 -13.44
CA TRP A 72 10.72 -2.59 -12.29
C TRP A 72 11.83 -3.58 -12.65
N ALA A 73 12.37 -3.45 -13.85
CA ALA A 73 13.43 -4.33 -14.31
C ALA A 73 13.03 -5.79 -14.17
N GLU A 74 13.97 -6.69 -14.47
CA GLU A 74 13.71 -8.13 -14.38
C GLU A 74 14.15 -8.67 -13.03
N CYS A 75 13.86 -9.95 -12.79
CA CYS A 75 14.22 -10.59 -11.53
C CYS A 75 15.42 -11.53 -11.73
N ASP A 76 15.90 -12.09 -10.63
CA ASP A 76 17.04 -13.01 -10.68
C ASP A 76 16.57 -14.46 -10.66
N THR A 77 17.20 -15.28 -11.50
CA THR A 77 16.86 -16.69 -11.59
C THR A 77 17.16 -17.42 -10.29
N THR A 78 17.86 -16.74 -9.39
CA THR A 78 18.22 -17.32 -8.10
C THR A 78 17.31 -16.82 -7.00
N THR A 79 17.55 -15.59 -6.53
CA THR A 79 16.75 -14.99 -5.47
C THR A 79 15.32 -14.73 -5.95
N GLY A 80 15.18 -14.41 -7.23
CA GLY A 80 13.86 -14.13 -7.79
C GLY A 80 13.30 -12.80 -7.33
N THR A 81 14.14 -11.77 -7.33
CA THR A 81 13.72 -10.44 -6.91
C THR A 81 14.12 -9.39 -7.93
N ARG A 82 13.38 -8.29 -7.97
CA ARG A 82 13.65 -7.21 -8.90
C ARG A 82 13.64 -5.86 -8.19
N SER A 83 14.74 -5.13 -8.31
CA SER A 83 14.86 -3.82 -7.68
C SER A 83 14.78 -2.70 -8.72
N ARG A 84 14.24 -1.56 -8.30
CA ARG A 84 14.10 -0.42 -9.18
C ARG A 84 14.63 0.86 -8.52
N SER A 85 15.27 1.70 -9.32
CA SER A 85 15.83 2.95 -8.81
C SER A 85 15.10 4.14 -9.40
N GLY A 86 14.60 5.01 -8.52
CA GLY A 86 13.88 6.19 -8.96
C GLY A 86 14.62 7.47 -8.63
N THR A 87 14.31 8.53 -9.37
CA THR A 87 14.95 9.82 -9.16
C THR A 87 13.92 10.89 -8.80
N LEU A 88 14.12 11.55 -7.67
CA LEU A 88 13.22 12.60 -7.22
C LEU A 88 13.78 13.97 -7.52
N LYS A 89 12.90 14.90 -7.90
CA LYS A 89 13.30 16.26 -8.22
C LYS A 89 12.70 17.26 -7.23
N LYS A 90 11.46 17.02 -6.83
CA LYS A 90 10.78 17.89 -5.89
C LYS A 90 10.81 17.30 -4.49
N ALA A 91 11.30 18.09 -3.53
CA ALA A 91 11.38 17.65 -2.15
C ALA A 91 10.26 18.25 -1.31
N LEU A 92 10.33 19.56 -1.08
CA LEU A 92 9.32 20.26 -0.31
C LEU A 92 9.45 19.91 1.18
N PHE A 93 9.13 18.67 1.51
CA PHE A 93 9.21 18.21 2.90
C PHE A 93 10.64 18.19 3.38
N ASN A 94 10.85 18.62 4.63
CA ASN A 94 12.19 18.66 5.21
C ASN A 94 13.16 19.39 4.31
N ALA A 95 14.44 19.32 4.63
CA ALA A 95 15.48 19.98 3.85
C ALA A 95 15.51 19.44 2.42
N GLU A 96 15.32 18.13 2.29
CA GLU A 96 15.33 17.49 0.98
C GLU A 96 15.09 15.99 1.10
N CYS A 97 14.60 15.38 0.02
CA CYS A 97 14.32 13.95 0.02
C CYS A 97 15.41 13.19 -0.73
N GLN A 98 15.44 11.88 -0.53
CA GLN A 98 16.44 11.03 -1.19
C GLN A 98 16.30 11.10 -2.71
N THR A 99 17.36 11.56 -3.37
CA THR A 99 17.35 11.68 -4.82
C THR A 99 17.36 10.32 -5.49
N THR A 100 17.57 9.28 -4.69
CA THR A 100 17.60 7.91 -5.20
C THR A 100 16.81 6.97 -4.30
N ILE A 101 16.02 6.10 -4.92
CA ILE A 101 15.22 5.14 -4.16
C ILE A 101 15.65 3.71 -4.45
N LYS A 102 15.60 2.86 -3.43
CA LYS A 102 16.00 1.47 -3.58
C LYS A 102 14.85 0.54 -3.18
N VAL A 103 14.02 0.19 -4.16
CA VAL A 103 12.88 -0.70 -3.90
C VAL A 103 13.11 -2.07 -4.52
N SER A 104 12.35 -3.06 -4.06
CA SER A 104 12.48 -4.42 -4.57
C SER A 104 11.13 -5.14 -4.51
N LYS A 105 10.96 -6.12 -5.39
CA LYS A 105 9.72 -6.89 -5.46
C LYS A 105 9.99 -8.31 -5.96
N PRO A 106 9.73 -9.30 -5.08
CA PRO A 106 9.94 -10.71 -5.42
C PRO A 106 8.92 -11.22 -6.44
N CYS A 107 9.42 -11.82 -7.52
CA CYS A 107 8.55 -12.34 -8.56
C CYS A 107 8.86 -13.81 -8.84
N THR A 108 7.90 -14.51 -9.44
CA THR A 108 8.07 -15.93 -9.75
C THR A 108 8.32 -16.13 -11.24
N PRO A 109 9.12 -17.16 -11.57
CA PRO A 109 9.46 -17.49 -12.95
C PRO A 109 8.26 -18.04 -13.72
N LYS A 110 8.39 -18.08 -15.05
CA LYS A 110 7.31 -18.58 -15.91
C LYS A 110 7.82 -19.73 -16.78
N THR A 111 7.70 -20.95 -16.28
CA THR A 111 8.14 -22.12 -17.02
C THR A 111 7.27 -23.33 -16.69
N PRO A 112 6.01 -23.31 -17.13
CA PRO A 112 5.06 -24.39 -16.91
C PRO A 112 5.42 -25.65 -17.68
N LYS A 113 4.69 -26.73 -17.43
CA LYS A 113 4.92 -27.99 -18.12
C LYS A 113 3.72 -28.37 -18.98
N PRO A 114 3.95 -29.28 -19.95
CA PRO A 114 2.90 -29.74 -20.87
C PRO A 114 1.87 -30.62 -20.16
N LYS A 115 0.64 -30.12 -20.07
CA LYS A 115 -0.44 -30.86 -19.43
C LYS A 115 -0.80 -32.11 -20.23
N GLY A 116 -1.36 -33.11 -19.55
CA GLY A 116 -1.75 -34.33 -20.21
C GLY A 116 -2.33 -35.36 -19.26
N GLY A 117 -2.42 -36.60 -19.70
CA GLY A 117 -2.95 -37.65 -18.86
C GLY A 117 -3.17 -38.95 -19.63
N GLU A 118 -3.47 -40.02 -18.89
CA GLU A 118 -3.69 -41.33 -19.50
C GLU A 118 -4.96 -41.97 -18.98
N LYS A 119 -5.40 -43.03 -19.64
CA LYS A 119 -6.61 -43.74 -19.24
C LYS A 119 -6.78 -45.02 -20.05
N LYS A 120 -6.82 -46.15 -19.36
CA LYS A 120 -6.99 -47.44 -20.01
C LYS A 120 -8.44 -47.91 -19.94
N LYS A 121 -9.05 -47.79 -18.76
CA LYS A 121 -10.43 -48.18 -18.57
C LYS A 121 -10.63 -49.65 -18.94
N GLY A 122 -11.89 -50.09 -18.93
CA GLY A 122 -12.19 -51.47 -19.26
C GLY A 122 -13.67 -51.78 -19.16
N LYS A 123 -14.02 -53.05 -19.33
CA LYS A 123 -15.42 -53.48 -19.26
C LYS A 123 -15.52 -54.94 -18.85
N GLY A 124 -16.73 -55.47 -18.86
CA GLY A 124 -16.94 -56.85 -18.48
C GLY A 124 -18.24 -57.41 -19.03
N LYS A 125 -18.82 -58.37 -18.32
CA LYS A 125 -20.07 -59.00 -18.73
C LYS A 125 -20.96 -59.30 -17.54
N GLU A 126 -22.09 -59.94 -17.79
CA GLU A 126 -23.03 -60.29 -16.73
C GLU A 126 -23.23 -61.80 -16.66
N ASN A 127 -23.77 -62.37 -17.73
CA ASN A 127 -24.03 -63.81 -17.78
C ASN A 127 -23.32 -64.43 -18.98
N GLY A 1 8.08 57.81 24.69
CA GLY A 1 8.53 56.47 24.32
C GLY A 1 9.45 55.86 25.35
N SER A 2 9.02 55.87 26.61
CA SER A 2 9.83 55.31 27.69
C SER A 2 9.91 53.79 27.60
N MET A 3 10.76 53.19 28.42
CA MET A 3 10.94 51.74 28.42
C MET A 3 10.28 51.12 29.65
N LYS A 4 9.80 49.89 29.49
CA LYS A 4 9.15 49.18 30.59
C LYS A 4 10.12 48.95 31.75
N LYS A 5 9.85 49.60 32.88
CA LYS A 5 10.70 49.46 34.05
C LYS A 5 9.88 49.10 35.28
N LYS A 6 8.94 49.97 35.65
CA LYS A 6 8.08 49.73 36.80
C LYS A 6 6.66 50.20 36.53
N GLU A 7 5.89 49.37 35.84
CA GLU A 7 4.50 49.70 35.51
C GLU A 7 3.69 49.96 36.79
N LYS A 8 2.65 50.78 36.65
CA LYS A 8 1.79 51.11 37.78
C LYS A 8 0.36 50.67 37.51
N GLY A 9 0.20 49.47 36.96
CA GLY A 9 -1.13 48.96 36.67
C GLY A 9 -1.68 49.48 35.35
N LYS A 10 -2.87 49.03 35.00
CA LYS A 10 -3.51 49.46 33.75
C LYS A 10 -5.03 49.48 33.89
N GLU A 11 -5.68 50.40 33.17
CA GLU A 11 -7.12 50.51 33.22
C GLU A 11 -7.79 49.49 32.30
N PRO A 12 -9.02 49.11 32.63
CA PRO A 12 -9.79 48.13 31.84
C PRO A 12 -10.23 48.69 30.49
N LYS A 13 -10.66 47.81 29.60
CA LYS A 13 -11.11 48.22 28.27
C LYS A 13 -12.41 49.02 28.36
N ALA A 14 -12.94 49.41 27.21
CA ALA A 14 -14.18 50.16 27.15
C ALA A 14 -15.36 49.33 27.62
N ASP A 15 -15.35 48.05 27.25
CA ASP A 15 -16.42 47.14 27.64
C ASP A 15 -17.77 47.63 27.12
N ALA A 16 -18.11 47.21 25.91
CA ALA A 16 -19.37 47.61 25.29
C ALA A 16 -20.54 46.88 25.93
N GLU A 17 -21.74 47.06 25.36
CA GLU A 17 -22.94 46.43 25.87
C GLU A 17 -23.00 44.96 25.46
N CYS A 18 -23.51 44.12 26.36
CA CYS A 18 -23.61 42.69 26.09
C CYS A 18 -22.24 42.04 26.05
N SER A 19 -21.50 42.27 24.97
CA SER A 19 -20.17 41.71 24.81
C SER A 19 -20.25 40.20 24.55
N GLU A 20 -20.63 39.44 25.57
CA GLU A 20 -20.74 37.99 25.45
C GLU A 20 -22.01 37.61 24.68
N TRP A 21 -22.01 37.92 23.38
CA TRP A 21 -23.16 37.60 22.53
C TRP A 21 -23.43 36.10 22.52
N GLN A 22 -24.62 35.72 22.96
CA GLN A 22 -25.01 34.32 23.00
C GLN A 22 -25.16 33.75 21.59
N TYR A 23 -24.08 33.13 21.08
CA TYR A 23 -24.10 32.55 19.75
C TYR A 23 -24.74 31.17 19.76
N GLY A 24 -25.69 30.96 18.85
CA GLY A 24 -26.36 29.68 18.76
C GLY A 24 -25.50 28.60 18.14
N LYS A 25 -26.03 27.39 18.04
CA LYS A 25 -25.31 26.28 17.45
C LYS A 25 -24.92 26.58 16.01
N CYS A 26 -23.89 25.90 15.52
CA CYS A 26 -23.43 26.10 14.15
C CYS A 26 -23.85 24.93 13.26
N VAL A 27 -24.79 25.19 12.36
CA VAL A 27 -25.28 24.16 11.45
C VAL A 27 -24.88 24.47 10.01
N PRO A 28 -24.29 23.46 9.33
CA PRO A 28 -23.86 23.60 7.94
C PRO A 28 -25.02 23.70 6.96
N ASN A 29 -25.12 24.83 6.27
CA ASN A 29 -26.19 25.04 5.31
C ASN A 29 -25.68 24.92 3.88
N SER A 30 -24.63 24.13 3.70
CA SER A 30 -24.04 23.93 2.39
C SER A 30 -23.46 22.51 2.25
N GLY A 31 -24.23 21.62 1.64
CA GLY A 31 -23.80 20.26 1.47
C GLY A 31 -24.07 19.39 2.67
N ASP A 32 -23.01 18.80 3.24
CA ASP A 32 -23.15 17.96 4.42
C ASP A 32 -22.40 18.54 5.60
N CYS A 33 -21.23 19.11 5.34
CA CYS A 33 -20.41 19.71 6.39
C CYS A 33 -19.50 20.79 5.81
N GLY A 34 -19.17 21.78 6.63
CA GLY A 34 -18.31 22.85 6.19
C GLY A 34 -18.70 24.20 6.79
N ASN A 35 -19.03 25.15 5.93
CA ASN A 35 -19.41 26.48 6.37
C ASN A 35 -20.86 26.49 6.84
N GLY A 36 -21.06 26.72 8.14
CA GLY A 36 -22.40 26.76 8.70
C GLY A 36 -22.80 28.14 9.15
N ILE A 37 -23.94 28.24 9.84
CA ILE A 37 -24.43 29.51 10.34
C ILE A 37 -24.97 29.38 11.75
N ARG A 38 -24.80 30.43 12.55
CA ARG A 38 -25.28 30.44 13.92
C ARG A 38 -26.06 31.71 14.23
N GLU A 39 -27.18 31.56 14.92
CA GLU A 39 -28.02 32.69 15.28
C GLU A 39 -27.74 33.17 16.70
N ALA A 40 -27.58 34.47 16.87
CA ALA A 40 -27.31 35.05 18.18
C ALA A 40 -28.16 36.29 18.42
N THR A 41 -28.61 36.45 19.67
CA THR A 41 -29.43 37.59 20.04
C THR A 41 -28.91 38.27 21.29
N CYS A 42 -28.58 39.55 21.18
CA CYS A 42 -28.07 40.32 22.32
C CYS A 42 -28.49 41.79 22.21
N ASN A 43 -28.70 42.41 23.36
CA ASN A 43 -29.09 43.82 23.40
C ASN A 43 -30.53 43.99 22.91
N GLU A 44 -30.74 43.81 21.61
CA GLU A 44 -32.06 43.95 21.02
C GLU A 44 -32.00 43.76 19.51
N GLN A 45 -31.12 42.89 19.06
CA GLN A 45 -30.96 42.62 17.63
C GLN A 45 -30.55 41.18 17.39
N THR A 46 -30.78 40.70 16.16
CA THR A 46 -30.43 39.34 15.80
C THR A 46 -29.68 39.29 14.47
N LYS A 47 -28.59 38.53 14.45
CA LYS A 47 -27.76 38.41 13.24
C LYS A 47 -27.22 36.99 13.11
N LYS A 48 -26.75 36.66 11.91
CA LYS A 48 -26.19 35.33 11.65
C LYS A 48 -24.71 35.43 11.29
N THR A 49 -23.89 34.64 11.99
CA THR A 49 -22.46 34.63 11.76
C THR A 49 -22.01 33.31 11.12
N LYS A 50 -20.99 33.39 10.27
CA LYS A 50 -20.47 32.21 9.60
C LYS A 50 -19.74 31.30 10.59
N CYS A 51 -19.86 29.99 10.39
CA CYS A 51 -19.20 29.03 11.26
C CYS A 51 -18.56 27.90 10.44
N LYS A 52 -17.78 27.06 11.12
CA LYS A 52 -17.13 25.94 10.46
C LYS A 52 -17.10 24.71 11.37
N VAL A 53 -17.58 23.59 10.85
CA VAL A 53 -17.61 22.34 11.62
C VAL A 53 -16.33 21.55 11.41
N PRO A 54 -15.97 20.75 12.43
CA PRO A 54 -14.76 19.91 12.37
C PRO A 54 -14.89 18.76 11.37
N CYS A 55 -14.75 19.07 10.09
CA CYS A 55 -14.84 18.06 9.04
C CYS A 55 -13.49 17.79 8.42
N ASN A 56 -13.36 16.66 7.73
CA ASN A 56 -12.11 16.28 7.09
C ASN A 56 -11.81 17.20 5.91
N TRP A 57 -11.13 18.30 6.19
CA TRP A 57 -10.77 19.27 5.15
C TRP A 57 -9.32 19.07 4.69
N LYS A 58 -8.39 19.36 5.58
CA LYS A 58 -6.97 19.20 5.28
C LYS A 58 -6.15 19.05 6.55
N LYS A 59 -4.95 18.48 6.41
CA LYS A 59 -4.07 18.27 7.55
C LYS A 59 -2.70 17.77 7.10
N ASP A 60 -1.85 17.43 8.05
CA ASP A 60 -0.52 16.93 7.75
C ASP A 60 -0.57 15.72 6.83
N PHE A 61 0.57 15.34 6.28
CA PHE A 61 0.64 14.19 5.38
C PHE A 61 1.87 13.33 5.70
N GLY A 62 3.04 13.82 5.32
CA GLY A 62 4.27 13.08 5.56
C GLY A 62 5.47 13.74 4.92
N ALA A 63 6.23 12.95 4.17
CA ALA A 63 7.42 13.45 3.50
C ALA A 63 7.05 14.41 2.36
N ASP A 64 5.92 14.14 1.72
CA ASP A 64 5.45 14.97 0.62
C ASP A 64 6.56 15.19 -0.40
N CYS A 65 7.15 14.09 -0.87
CA CYS A 65 8.22 14.16 -1.85
C CYS A 65 7.80 13.50 -3.17
N LYS A 66 8.24 14.08 -4.27
CA LYS A 66 7.91 13.56 -5.59
C LYS A 66 8.99 12.61 -6.09
N TYR A 67 8.61 11.35 -6.32
CA TYR A 67 9.55 10.34 -6.79
C TYR A 67 9.21 9.91 -8.21
N LYS A 68 10.24 9.81 -9.05
CA LYS A 68 10.05 9.42 -10.44
C LYS A 68 10.50 7.98 -10.65
N PHE A 69 9.54 7.08 -10.88
CA PHE A 69 9.84 5.67 -11.10
C PHE A 69 9.96 5.36 -12.59
N GLY A 70 10.67 4.29 -12.90
CA GLY A 70 10.86 3.91 -14.29
C GLY A 70 10.25 2.55 -14.60
N ARG A 71 11.00 1.50 -14.32
CA ARG A 71 10.54 0.13 -14.58
C ARG A 71 11.03 -0.82 -13.49
N TRP A 72 10.33 -1.94 -13.34
CA TRP A 72 10.69 -2.93 -12.33
C TRP A 72 11.71 -3.92 -12.89
N ALA A 73 12.20 -3.64 -14.10
CA ALA A 73 13.19 -4.50 -14.74
C ALA A 73 12.70 -5.94 -14.81
N GLU A 74 13.55 -6.84 -15.30
CA GLU A 74 13.20 -8.24 -15.42
C GLU A 74 13.49 -9.00 -14.12
N CYS A 75 12.66 -9.98 -13.81
CA CYS A 75 12.82 -10.77 -12.60
C CYS A 75 14.25 -11.31 -12.49
N ASP A 76 14.81 -11.23 -11.30
CA ASP A 76 16.16 -11.71 -11.06
C ASP A 76 16.14 -13.07 -10.39
N THR A 77 16.82 -14.04 -11.01
CA THR A 77 16.87 -15.39 -10.47
C THR A 77 17.74 -15.46 -9.22
N THR A 78 18.59 -14.45 -9.04
CA THR A 78 19.47 -14.38 -7.88
C THR A 78 18.70 -14.57 -6.59
N THR A 79 17.96 -13.54 -6.19
CA THR A 79 17.17 -13.59 -4.97
C THR A 79 15.70 -13.86 -5.27
N GLY A 80 15.38 -13.99 -6.56
CA GLY A 80 14.01 -14.24 -6.96
C GLY A 80 13.21 -12.97 -7.13
N THR A 81 13.78 -11.85 -6.69
CA THR A 81 13.11 -10.55 -6.79
C THR A 81 13.96 -9.54 -7.56
N ARG A 82 13.31 -8.56 -8.17
CA ARG A 82 14.01 -7.54 -8.92
C ARG A 82 13.96 -6.19 -8.20
N SER A 83 15.02 -5.42 -8.34
CA SER A 83 15.10 -4.11 -7.69
C SER A 83 14.93 -2.98 -8.72
N ARG A 84 14.29 -1.91 -8.30
CA ARG A 84 14.06 -0.76 -9.17
C ARG A 84 14.66 0.51 -8.57
N SER A 85 15.20 1.37 -9.44
CA SER A 85 15.81 2.61 -9.00
C SER A 85 15.02 3.82 -9.52
N GLY A 86 14.63 4.70 -8.61
CA GLY A 86 13.88 5.88 -8.99
C GLY A 86 14.59 7.17 -8.63
N THR A 87 14.44 8.18 -9.47
CA THR A 87 15.07 9.47 -9.22
C THR A 87 14.04 10.54 -8.87
N LEU A 88 14.22 11.17 -7.72
CA LEU A 88 13.30 12.22 -7.27
C LEU A 88 13.87 13.60 -7.55
N LYS A 89 13.01 14.53 -7.92
CA LYS A 89 13.41 15.90 -8.22
C LYS A 89 12.81 16.87 -7.21
N LYS A 90 11.53 16.68 -6.91
CA LYS A 90 10.83 17.54 -5.96
C LYS A 90 10.85 16.94 -4.56
N ALA A 91 11.31 17.72 -3.59
CA ALA A 91 11.38 17.27 -2.20
C ALA A 91 10.22 17.83 -1.38
N LEU A 92 10.21 19.14 -1.20
CA LEU A 92 9.16 19.81 -0.43
C LEU A 92 9.17 19.34 1.02
N PHE A 93 8.20 19.81 1.79
CA PHE A 93 8.09 19.45 3.20
C PHE A 93 9.42 19.66 3.92
N ASN A 94 10.12 20.73 3.56
CA ASN A 94 11.41 21.06 4.17
C ASN A 94 12.40 19.93 3.94
N ALA A 95 13.67 20.19 4.30
CA ALA A 95 14.72 19.19 4.14
C ALA A 95 14.74 18.63 2.71
N GLU A 96 15.51 17.58 2.51
CA GLU A 96 15.62 16.95 1.20
C GLU A 96 15.30 15.46 1.27
N CYS A 97 14.80 14.92 0.17
CA CYS A 97 14.44 13.51 0.11
C CYS A 97 15.51 12.71 -0.65
N GLN A 98 15.47 11.40 -0.49
CA GLN A 98 16.43 10.52 -1.16
C GLN A 98 16.30 10.63 -2.68
N THR A 99 17.38 11.05 -3.34
CA THR A 99 17.39 11.21 -4.78
C THR A 99 17.37 9.85 -5.47
N THR A 100 17.51 8.79 -4.68
CA THR A 100 17.53 7.43 -5.22
C THR A 100 16.74 6.48 -4.33
N ILE A 101 15.91 5.65 -4.94
CA ILE A 101 15.10 4.69 -4.20
C ILE A 101 15.52 3.25 -4.53
N LYS A 102 15.54 2.40 -3.51
CA LYS A 102 15.92 1.00 -3.69
C LYS A 102 14.78 0.08 -3.25
N VAL A 103 13.91 -0.27 -4.19
CA VAL A 103 12.78 -1.15 -3.91
C VAL A 103 12.99 -2.52 -4.55
N SER A 104 12.23 -3.50 -4.06
CA SER A 104 12.33 -4.86 -4.60
C SER A 104 10.94 -5.48 -4.73
N LYS A 105 10.81 -6.42 -5.67
CA LYS A 105 9.54 -7.10 -5.91
C LYS A 105 9.77 -8.50 -6.45
N PRO A 106 9.36 -9.51 -5.67
CA PRO A 106 9.50 -10.92 -6.05
C PRO A 106 8.58 -11.30 -7.21
N CYS A 107 9.17 -11.75 -8.31
CA CYS A 107 8.40 -12.15 -9.48
C CYS A 107 9.07 -13.32 -10.20
N THR A 108 8.29 -14.04 -11.00
CA THR A 108 8.79 -15.18 -11.74
C THR A 108 8.94 -14.87 -13.22
N PRO A 109 9.98 -15.44 -13.85
CA PRO A 109 10.24 -15.24 -15.28
C PRO A 109 9.20 -15.90 -16.17
N LYS A 110 8.87 -17.15 -15.85
CA LYS A 110 7.89 -17.91 -16.62
C LYS A 110 7.23 -18.97 -15.75
N THR A 111 5.97 -19.27 -16.05
CA THR A 111 5.22 -20.28 -15.31
C THR A 111 4.49 -21.23 -16.25
N PRO A 112 4.14 -22.42 -15.73
CA PRO A 112 3.43 -23.44 -16.51
C PRO A 112 1.99 -23.04 -16.83
N LYS A 113 1.81 -22.34 -17.94
CA LYS A 113 0.49 -21.89 -18.36
C LYS A 113 -0.49 -23.06 -18.38
N PRO A 114 -1.72 -22.81 -17.89
CA PRO A 114 -2.78 -23.83 -17.85
C PRO A 114 -3.29 -24.18 -19.24
N LYS A 115 -2.74 -25.23 -19.82
CA LYS A 115 -3.16 -25.67 -21.15
C LYS A 115 -4.15 -26.82 -21.05
N GLY A 116 -4.02 -27.63 -20.01
CA GLY A 116 -4.91 -28.75 -19.82
C GLY A 116 -4.71 -29.45 -18.48
N GLY A 117 -5.42 -30.56 -18.28
CA GLY A 117 -5.29 -31.29 -17.04
C GLY A 117 -6.63 -31.74 -16.48
N GLU A 118 -7.51 -32.18 -17.37
CA GLU A 118 -8.83 -32.64 -16.97
C GLU A 118 -9.12 -34.04 -17.51
N LYS A 119 -9.58 -34.92 -16.63
CA LYS A 119 -9.89 -36.29 -17.02
C LYS A 119 -10.86 -36.93 -16.03
N LYS A 120 -11.50 -38.02 -16.44
CA LYS A 120 -12.45 -38.73 -15.59
C LYS A 120 -12.67 -40.14 -16.09
N LYS A 121 -12.99 -40.26 -17.38
CA LYS A 121 -13.24 -41.57 -17.99
C LYS A 121 -12.27 -41.82 -19.14
N GLY A 122 -11.94 -43.10 -19.37
CA GLY A 122 -11.03 -43.45 -20.44
C GLY A 122 -11.75 -43.88 -21.69
N LYS A 123 -13.00 -44.29 -21.54
CA LYS A 123 -13.81 -44.74 -22.68
C LYS A 123 -14.07 -43.60 -23.64
N GLY A 124 -13.53 -43.71 -24.85
CA GLY A 124 -13.72 -42.67 -25.85
C GLY A 124 -14.59 -43.13 -27.00
N LYS A 125 -14.36 -44.35 -27.46
CA LYS A 125 -15.14 -44.92 -28.56
C LYS A 125 -16.64 -44.86 -28.26
N GLU A 126 -17.43 -44.55 -29.28
CA GLU A 126 -18.87 -44.46 -29.13
C GLU A 126 -19.55 -44.21 -30.47
N ASN A 127 -20.15 -45.25 -31.03
CA ASN A 127 -20.83 -45.14 -32.31
C ASN A 127 -22.31 -45.51 -32.18
N GLY A 1 20.03 17.50 21.60
CA GLY A 1 20.32 16.35 20.76
C GLY A 1 20.73 15.14 21.57
N SER A 2 20.36 13.95 21.10
CA SER A 2 20.69 12.71 21.78
C SER A 2 20.43 11.50 20.89
N MET A 3 21.39 10.59 20.82
CA MET A 3 21.25 9.39 20.01
C MET A 3 21.76 8.17 20.76
N LYS A 4 21.28 6.99 20.37
CA LYS A 4 21.69 5.74 20.99
C LYS A 4 22.03 4.69 19.96
N LYS A 5 23.26 4.18 20.02
CA LYS A 5 23.72 3.17 19.07
C LYS A 5 24.19 1.92 19.81
N LYS A 6 24.18 0.79 19.11
CA LYS A 6 24.61 -0.48 19.70
C LYS A 6 25.45 -1.28 18.71
N GLU A 7 25.72 -2.53 19.05
CA GLU A 7 26.52 -3.40 18.20
C GLU A 7 26.12 -4.87 18.37
N LYS A 8 25.64 -5.47 17.30
CA LYS A 8 25.22 -6.87 17.33
C LYS A 8 24.74 -7.33 15.96
N GLY A 9 24.64 -8.63 15.77
CA GLY A 9 24.19 -9.18 14.50
C GLY A 9 23.13 -10.26 14.68
N LYS A 10 22.82 -10.95 13.59
CA LYS A 10 21.82 -12.01 13.63
C LYS A 10 22.07 -13.04 12.52
N GLU A 11 21.34 -14.15 12.56
CA GLU A 11 21.49 -15.20 11.57
C GLU A 11 20.68 -14.88 10.32
N PRO A 12 21.13 -15.41 9.17
CA PRO A 12 20.45 -15.20 7.89
C PRO A 12 19.11 -15.91 7.81
N LYS A 13 18.06 -15.24 8.26
CA LYS A 13 16.71 -15.81 8.24
C LYS A 13 15.68 -14.78 8.68
N ALA A 14 14.40 -15.16 8.63
CA ALA A 14 13.32 -14.27 9.03
C ALA A 14 13.16 -14.26 10.54
N ASP A 15 13.02 -15.44 11.14
CA ASP A 15 12.85 -15.56 12.57
C ASP A 15 12.74 -17.03 12.98
N ALA A 16 12.80 -17.28 14.29
CA ALA A 16 12.70 -18.64 14.81
C ALA A 16 12.54 -18.63 16.33
N GLU A 17 11.73 -17.70 16.83
CA GLU A 17 11.50 -17.58 18.26
C GLU A 17 10.01 -17.37 18.55
N CYS A 18 9.48 -18.13 19.50
CA CYS A 18 8.07 -18.03 19.87
C CYS A 18 7.18 -18.20 18.65
N SER A 19 5.87 -18.06 18.86
CA SER A 19 4.91 -18.20 17.77
C SER A 19 3.77 -17.20 17.93
N GLU A 20 3.16 -17.17 19.11
CA GLU A 20 2.06 -16.25 19.39
C GLU A 20 2.52 -15.11 20.28
N TRP A 21 3.39 -14.26 19.75
CA TRP A 21 3.90 -13.12 20.50
C TRP A 21 2.76 -12.30 21.10
N GLN A 22 2.72 -12.24 22.42
CA GLN A 22 1.68 -11.50 23.12
C GLN A 22 1.85 -10.00 22.92
N TYR A 23 1.13 -9.45 21.94
CA TYR A 23 1.21 -8.03 21.64
C TYR A 23 0.32 -7.22 22.59
N GLY A 24 0.89 -6.18 23.18
CA GLY A 24 0.14 -5.34 24.09
C GLY A 24 -0.79 -4.40 23.37
N LYS A 25 -1.57 -3.64 24.14
CA LYS A 25 -2.53 -2.69 23.58
C LYS A 25 -1.81 -1.65 22.72
N CYS A 26 -2.54 -1.04 21.80
CA CYS A 26 -1.97 -0.02 20.92
C CYS A 26 -2.41 1.37 21.35
N VAL A 27 -1.47 2.15 21.87
CA VAL A 27 -1.75 3.50 22.32
C VAL A 27 -1.04 4.54 21.46
N PRO A 28 -1.80 5.53 20.97
CA PRO A 28 -1.26 6.60 20.12
C PRO A 28 -0.34 7.54 20.89
N ASN A 29 0.96 7.45 20.61
CA ASN A 29 1.94 8.30 21.28
C ASN A 29 1.62 9.78 21.07
N SER A 30 1.10 10.41 22.11
CA SER A 30 0.74 11.83 22.04
C SER A 30 -0.25 12.08 20.91
N GLY A 31 -0.51 13.36 20.64
CA GLY A 31 -1.43 13.72 19.58
C GLY A 31 -2.87 13.36 19.92
N ASP A 32 -3.40 12.33 19.26
CA ASP A 32 -4.76 11.89 19.50
C ASP A 32 -4.95 10.43 19.08
N CYS A 33 -4.76 10.16 17.80
CA CYS A 33 -4.91 8.81 17.27
C CYS A 33 -4.08 8.63 16.00
N GLY A 34 -3.62 7.40 15.77
CA GLY A 34 -2.83 7.11 14.59
C GLY A 34 -1.75 6.08 14.85
N ASN A 35 -0.49 6.50 14.81
CA ASN A 35 0.62 5.59 15.04
C ASN A 35 0.75 5.25 16.52
N GLY A 36 0.15 4.13 16.92
CA GLY A 36 0.21 3.71 18.30
C GLY A 36 1.35 2.75 18.57
N ILE A 37 1.74 2.64 19.84
CA ILE A 37 2.83 1.75 20.22
C ILE A 37 2.32 0.60 21.08
N ARG A 38 2.87 -0.59 20.85
CA ARG A 38 2.46 -1.78 21.61
C ARG A 38 3.69 -2.53 22.14
N GLU A 39 3.59 -3.03 23.37
CA GLU A 39 4.68 -3.77 23.98
C GLU A 39 4.38 -5.27 24.01
N ALA A 40 5.36 -6.06 23.60
CA ALA A 40 5.20 -7.52 23.57
C ALA A 40 6.44 -8.20 24.13
N THR A 41 6.23 -9.30 24.84
CA THR A 41 7.32 -10.06 25.44
C THR A 41 7.20 -11.55 25.13
N CYS A 42 8.23 -12.09 24.49
CA CYS A 42 8.24 -13.51 24.13
C CYS A 42 9.66 -14.05 24.08
N ASN A 43 9.82 -15.32 24.42
CA ASN A 43 11.13 -15.97 24.41
C ASN A 43 11.98 -15.47 25.58
N GLU A 44 12.42 -14.21 25.48
CA GLU A 44 13.24 -13.61 26.53
C GLU A 44 13.69 -12.21 26.12
N GLN A 45 12.82 -11.50 25.42
CA GLN A 45 13.12 -10.14 24.98
C GLN A 45 11.86 -9.29 24.90
N THR A 46 12.04 -7.97 24.89
CA THR A 46 10.91 -7.05 24.82
C THR A 46 11.17 -5.93 23.82
N LYS A 47 10.19 -5.68 22.96
CA LYS A 47 10.32 -4.63 21.94
C LYS A 47 8.98 -3.94 21.70
N LYS A 48 9.02 -2.76 21.13
CA LYS A 48 7.82 -1.99 20.83
C LYS A 48 7.58 -1.90 19.33
N THR A 49 6.37 -2.27 18.90
CA THR A 49 6.02 -2.24 17.49
C THR A 49 4.99 -1.14 17.21
N LYS A 50 5.08 -0.54 16.03
CA LYS A 50 4.15 0.52 15.64
C LYS A 50 2.89 -0.07 15.02
N CYS A 51 1.76 0.61 15.24
CA CYS A 51 0.48 0.15 14.72
C CYS A 51 -0.42 1.34 14.40
N LYS A 52 -1.55 1.06 13.75
CA LYS A 52 -2.50 2.10 13.38
C LYS A 52 -3.87 1.82 14.02
N VAL A 53 -4.40 2.82 14.72
CA VAL A 53 -5.69 2.69 15.37
C VAL A 53 -6.82 3.14 14.44
N PRO A 54 -8.01 2.56 14.64
CA PRO A 54 -9.20 2.89 13.83
C PRO A 54 -9.72 4.30 14.11
N CYS A 55 -9.00 5.30 13.60
CA CYS A 55 -9.40 6.69 13.80
C CYS A 55 -9.53 7.41 12.46
N ASN A 56 -10.21 8.55 12.48
CA ASN A 56 -10.42 9.34 11.26
C ASN A 56 -9.21 10.21 10.98
N TRP A 57 -8.04 9.59 10.87
CA TRP A 57 -6.82 10.32 10.59
C TRP A 57 -6.13 9.78 9.34
N LYS A 58 -6.03 8.47 9.25
CA LYS A 58 -5.40 7.82 8.10
C LYS A 58 -3.89 8.02 8.12
N LYS A 59 -3.45 9.26 7.92
CA LYS A 59 -2.03 9.58 7.92
C LYS A 59 -1.81 11.07 7.68
N ASP A 60 -2.68 11.67 6.86
CA ASP A 60 -2.58 13.09 6.55
C ASP A 60 -1.33 13.37 5.71
N PHE A 61 -0.17 13.40 6.37
CA PHE A 61 1.09 13.66 5.69
C PHE A 61 1.85 12.36 5.43
N GLY A 62 3.02 12.48 4.82
CA GLY A 62 3.83 11.32 4.52
C GLY A 62 5.14 11.67 3.84
N ALA A 63 5.20 11.43 2.53
CA ALA A 63 6.40 11.73 1.76
C ALA A 63 6.42 13.18 1.30
N ASP A 64 5.30 13.63 0.75
CA ASP A 64 5.18 15.01 0.28
C ASP A 64 6.35 15.36 -0.65
N CYS A 65 6.86 14.37 -1.35
CA CYS A 65 7.97 14.59 -2.26
C CYS A 65 7.70 13.96 -3.63
N LYS A 66 8.14 14.62 -4.69
CA LYS A 66 7.93 14.14 -6.04
C LYS A 66 9.03 13.15 -6.44
N TYR A 67 8.61 11.92 -6.71
CA TYR A 67 9.56 10.87 -7.11
C TYR A 67 9.30 10.39 -8.53
N LYS A 68 10.37 10.11 -9.26
CA LYS A 68 10.26 9.64 -10.64
C LYS A 68 10.56 8.15 -10.74
N PHE A 69 9.54 7.36 -11.00
CA PHE A 69 9.70 5.91 -11.12
C PHE A 69 9.92 5.52 -12.58
N GLY A 70 10.53 4.35 -12.77
CA GLY A 70 10.80 3.87 -14.13
C GLY A 70 10.23 2.49 -14.37
N ARG A 71 11.11 1.50 -14.50
CA ARG A 71 10.69 0.13 -14.74
C ARG A 71 11.10 -0.77 -13.59
N TRP A 72 10.28 -1.79 -13.32
CA TRP A 72 10.56 -2.73 -12.23
C TRP A 72 11.58 -3.78 -12.67
N ALA A 73 12.03 -3.68 -13.92
CA ALA A 73 13.00 -4.61 -14.46
C ALA A 73 12.46 -6.03 -14.46
N GLU A 74 13.31 -6.99 -14.80
CA GLU A 74 12.91 -8.39 -14.84
C GLU A 74 13.37 -9.13 -13.60
N CYS A 75 12.72 -10.25 -13.30
CA CYS A 75 13.06 -11.05 -12.12
C CYS A 75 14.28 -11.92 -12.41
N ASP A 76 15.31 -11.77 -11.57
CA ASP A 76 16.53 -12.55 -11.72
C ASP A 76 16.56 -13.71 -10.74
N THR A 77 16.97 -14.88 -11.22
CA THR A 77 17.04 -16.07 -10.40
C THR A 77 18.01 -15.87 -9.23
N THR A 78 18.89 -14.90 -9.36
CA THR A 78 19.87 -14.61 -8.32
C THR A 78 19.19 -14.43 -6.97
N THR A 79 18.50 -13.31 -6.80
CA THR A 79 17.80 -13.02 -5.55
C THR A 79 16.34 -13.43 -5.63
N GLY A 80 15.82 -13.53 -6.85
CA GLY A 80 14.43 -13.92 -7.04
C GLY A 80 13.48 -12.76 -6.80
N THR A 81 14.00 -11.54 -6.88
CA THR A 81 13.18 -10.35 -6.66
C THR A 81 13.52 -9.26 -7.68
N ARG A 82 12.56 -8.38 -7.93
CA ARG A 82 12.76 -7.29 -8.87
C ARG A 82 12.88 -5.95 -8.15
N SER A 83 13.99 -5.26 -8.38
CA SER A 83 14.23 -3.98 -7.74
C SER A 83 14.15 -2.84 -8.76
N ARG A 84 13.75 -1.66 -8.29
CA ARG A 84 13.62 -0.50 -9.16
C ARG A 84 14.26 0.73 -8.51
N SER A 85 14.87 1.58 -9.34
CA SER A 85 15.52 2.79 -8.85
C SER A 85 14.87 4.03 -9.45
N GLY A 86 14.46 4.95 -8.58
CA GLY A 86 13.83 6.18 -9.05
C GLY A 86 14.61 7.41 -8.64
N THR A 87 14.47 8.48 -9.43
CA THR A 87 15.17 9.73 -9.16
C THR A 87 14.18 10.86 -8.90
N LEU A 88 14.31 11.51 -7.74
CA LEU A 88 13.43 12.60 -7.38
C LEU A 88 14.11 13.95 -7.62
N LYS A 89 13.33 14.92 -8.09
CA LYS A 89 13.86 16.25 -8.36
C LYS A 89 13.30 17.28 -7.38
N LYS A 90 11.99 17.24 -7.17
CA LYS A 90 11.34 18.16 -6.25
C LYS A 90 11.47 17.67 -4.80
N ALA A 91 11.99 18.53 -3.94
CA ALA A 91 12.17 18.18 -2.53
C ALA A 91 11.45 19.16 -1.62
N LEU A 92 10.33 18.73 -1.05
CA LEU A 92 9.54 19.57 -0.17
C LEU A 92 9.70 19.12 1.29
N PHE A 93 9.16 17.95 1.60
CA PHE A 93 9.23 17.41 2.95
C PHE A 93 10.67 17.41 3.46
N ASN A 94 10.88 17.99 4.64
CA ASN A 94 12.21 18.05 5.23
C ASN A 94 13.15 18.89 4.36
N ALA A 95 14.36 19.12 4.87
CA ALA A 95 15.36 19.89 4.14
C ALA A 95 15.56 19.34 2.73
N GLU A 96 15.34 18.04 2.57
CA GLU A 96 15.51 17.39 1.28
C GLU A 96 15.13 15.92 1.36
N CYS A 97 14.64 15.37 0.26
CA CYS A 97 14.24 13.97 0.20
C CYS A 97 15.29 13.13 -0.52
N GLN A 98 15.20 11.82 -0.36
CA GLN A 98 16.14 10.91 -1.00
C GLN A 98 16.10 11.04 -2.52
N THR A 99 17.22 11.43 -3.12
CA THR A 99 17.29 11.60 -4.56
C THR A 99 17.27 10.24 -5.27
N THR A 100 17.34 9.17 -4.49
CA THR A 100 17.33 7.82 -5.04
C THR A 100 16.49 6.88 -4.18
N ILE A 101 15.70 6.04 -4.84
CA ILE A 101 14.84 5.09 -4.14
C ILE A 101 15.26 3.66 -4.42
N LYS A 102 15.23 2.82 -3.39
CA LYS A 102 15.61 1.42 -3.53
C LYS A 102 14.46 0.50 -3.14
N VAL A 103 13.65 0.11 -4.12
CA VAL A 103 12.51 -0.76 -3.87
C VAL A 103 12.75 -2.15 -4.46
N SER A 104 12.05 -3.14 -3.91
CA SER A 104 12.19 -4.52 -4.39
C SER A 104 10.88 -5.27 -4.23
N LYS A 105 10.66 -6.25 -5.11
CA LYS A 105 9.45 -7.06 -5.07
C LYS A 105 9.70 -8.46 -5.61
N PRO A 106 9.53 -9.47 -4.75
CA PRO A 106 9.73 -10.87 -5.12
C PRO A 106 8.67 -11.38 -6.09
N CYS A 107 9.11 -11.96 -7.20
CA CYS A 107 8.19 -12.49 -8.20
C CYS A 107 8.76 -13.75 -8.85
N THR A 108 7.88 -14.56 -9.44
CA THR A 108 8.29 -15.79 -10.09
C THR A 108 8.21 -15.67 -11.60
N PRO A 109 9.28 -16.09 -12.29
CA PRO A 109 9.35 -16.04 -13.76
C PRO A 109 8.39 -17.03 -14.42
N LYS A 110 7.12 -16.67 -14.48
CA LYS A 110 6.10 -17.53 -15.08
C LYS A 110 6.01 -18.86 -14.35
N THR A 111 5.22 -19.79 -14.91
CA THR A 111 5.04 -21.09 -14.30
C THR A 111 4.39 -20.99 -12.93
N PRO A 112 3.71 -22.07 -12.51
CA PRO A 112 3.02 -22.11 -11.22
C PRO A 112 3.99 -22.15 -10.05
N LYS A 113 3.46 -22.38 -8.86
CA LYS A 113 4.28 -22.43 -7.65
C LYS A 113 5.02 -21.12 -7.42
N PRO A 114 4.27 -20.08 -7.01
CA PRO A 114 4.81 -18.75 -6.75
C PRO A 114 5.71 -18.73 -5.51
N LYS A 115 5.33 -19.50 -4.50
CA LYS A 115 6.08 -19.58 -3.25
C LYS A 115 6.19 -18.20 -2.60
N GLY A 116 6.96 -18.11 -1.52
CA GLY A 116 7.13 -16.86 -0.82
C GLY A 116 8.34 -16.87 0.09
N GLY A 117 8.48 -15.80 0.88
CA GLY A 117 9.60 -15.70 1.80
C GLY A 117 9.80 -14.29 2.32
N GLU A 118 10.25 -13.40 1.43
CA GLU A 118 10.48 -12.01 1.82
C GLU A 118 11.11 -11.92 3.21
N LYS A 119 12.06 -12.82 3.49
CA LYS A 119 12.73 -12.85 4.77
C LYS A 119 13.28 -11.46 5.13
N LYS A 120 13.44 -11.21 6.43
CA LYS A 120 13.95 -9.94 6.90
C LYS A 120 15.22 -10.14 7.73
N LYS A 121 15.05 -10.62 8.95
CA LYS A 121 16.18 -10.86 9.84
C LYS A 121 15.72 -11.52 11.14
N GLY A 122 16.48 -12.52 11.59
CA GLY A 122 16.13 -13.23 12.81
C GLY A 122 17.09 -14.36 13.12
N LYS A 123 16.57 -15.58 13.17
CA LYS A 123 17.39 -16.75 13.46
C LYS A 123 17.07 -17.89 12.50
N GLY A 124 18.09 -18.70 12.20
CA GLY A 124 17.89 -19.82 11.29
C GLY A 124 18.55 -21.08 11.79
N LYS A 125 19.71 -21.40 11.24
CA LYS A 125 20.45 -22.60 11.64
C LYS A 125 19.66 -23.86 11.30
N GLU A 126 19.98 -24.48 10.17
CA GLU A 126 19.29 -25.69 9.74
C GLU A 126 20.13 -26.48 8.74
N ASN A 127 19.60 -27.59 8.27
CA ASN A 127 20.30 -28.43 7.31
C ASN A 127 19.53 -28.52 6.00
N GLY A 1 27.22 -48.78 -27.91
CA GLY A 1 27.81 -47.46 -27.80
C GLY A 1 26.97 -46.39 -28.51
N SER A 2 26.16 -45.68 -27.73
CA SER A 2 25.30 -44.63 -28.28
C SER A 2 26.14 -43.55 -28.95
N MET A 3 25.55 -42.88 -29.94
CA MET A 3 26.24 -41.81 -30.66
C MET A 3 25.23 -40.89 -31.35
N LYS A 4 25.68 -39.69 -31.69
CA LYS A 4 24.82 -38.71 -32.35
C LYS A 4 23.58 -38.42 -31.52
N LYS A 5 22.73 -37.53 -32.02
CA LYS A 5 21.52 -37.15 -31.32
C LYS A 5 20.61 -36.31 -32.22
N LYS A 6 19.50 -35.83 -31.66
CA LYS A 6 18.56 -35.01 -32.41
C LYS A 6 17.48 -34.45 -31.49
N GLU A 7 16.83 -33.38 -31.93
CA GLU A 7 15.77 -32.75 -31.13
C GLU A 7 15.13 -31.60 -31.91
N LYS A 8 13.97 -31.16 -31.45
CA LYS A 8 13.25 -30.07 -32.09
C LYS A 8 12.04 -29.65 -31.26
N GLY A 9 11.25 -28.73 -31.80
CA GLY A 9 10.06 -28.27 -31.10
C GLY A 9 9.21 -27.34 -31.96
N LYS A 10 8.09 -26.89 -31.40
CA LYS A 10 7.18 -26.01 -32.11
C LYS A 10 7.10 -24.64 -31.42
N GLU A 11 6.93 -23.59 -32.21
CA GLU A 11 6.83 -22.24 -31.67
C GLU A 11 5.41 -21.95 -31.20
N PRO A 12 5.29 -21.04 -30.22
CA PRO A 12 3.99 -20.64 -29.66
C PRO A 12 3.16 -19.84 -30.65
N LYS A 13 2.05 -19.29 -30.15
CA LYS A 13 1.16 -18.49 -30.99
C LYS A 13 0.54 -17.35 -30.20
N ALA A 14 0.60 -16.14 -30.74
CA ALA A 14 0.03 -14.97 -30.09
C ALA A 14 -1.47 -14.89 -30.31
N ASP A 15 -1.89 -15.08 -31.55
CA ASP A 15 -3.30 -15.02 -31.91
C ASP A 15 -4.10 -16.06 -31.12
N ALA A 16 -4.73 -15.63 -30.04
CA ALA A 16 -5.53 -16.52 -29.21
C ALA A 16 -6.19 -15.77 -28.06
N GLU A 17 -6.99 -16.47 -27.27
CA GLU A 17 -7.68 -15.87 -26.14
C GLU A 17 -7.21 -16.48 -24.82
N CYS A 18 -7.53 -15.81 -23.72
CA CYS A 18 -7.13 -16.29 -22.40
C CYS A 18 -8.34 -16.33 -21.45
N SER A 19 -8.49 -17.43 -20.74
CA SER A 19 -9.60 -17.59 -19.80
C SER A 19 -9.20 -17.14 -18.41
N GLU A 20 -8.03 -17.58 -17.96
CA GLU A 20 -7.52 -17.23 -16.64
C GLU A 20 -6.34 -16.27 -16.75
N TRP A 21 -6.64 -14.98 -16.92
CA TRP A 21 -5.60 -13.97 -17.04
C TRP A 21 -4.82 -13.83 -15.73
N GLN A 22 -3.50 -13.93 -15.83
CA GLN A 22 -2.65 -13.81 -14.64
C GLN A 22 -2.22 -12.37 -14.42
N TYR A 23 -2.86 -11.71 -13.45
CA TYR A 23 -2.54 -10.32 -13.14
C TYR A 23 -1.48 -10.24 -12.04
N GLY A 24 -0.70 -9.17 -12.06
CA GLY A 24 0.34 -8.98 -11.07
C GLY A 24 -0.01 -7.89 -10.07
N LYS A 25 1.01 -7.39 -9.37
CA LYS A 25 0.82 -6.34 -8.37
C LYS A 25 0.22 -5.10 -9.01
N CYS A 26 -0.41 -4.26 -8.18
CA CYS A 26 -1.03 -3.03 -8.67
C CYS A 26 -0.15 -1.82 -8.35
N VAL A 27 0.44 -1.24 -9.38
CA VAL A 27 1.30 -0.07 -9.20
C VAL A 27 0.70 1.16 -9.87
N PRO A 28 0.60 2.26 -9.11
CA PRO A 28 0.05 3.52 -9.62
C PRO A 28 0.97 4.19 -10.64
N ASN A 29 0.51 4.27 -11.87
CA ASN A 29 1.29 4.89 -12.94
C ASN A 29 1.03 6.39 -13.00
N SER A 30 -0.20 6.78 -12.69
CA SER A 30 -0.58 8.19 -12.72
C SER A 30 -0.90 8.70 -11.31
N GLY A 31 0.02 9.49 -10.75
CA GLY A 31 -0.17 10.02 -9.41
C GLY A 31 0.76 9.40 -8.40
N ASP A 32 0.23 9.12 -7.21
CA ASP A 32 1.03 8.52 -6.15
C ASP A 32 0.36 7.27 -5.61
N CYS A 33 -0.93 7.36 -5.32
CA CYS A 33 -1.69 6.24 -4.79
C CYS A 33 -3.17 6.38 -5.11
N GLY A 34 -3.85 5.26 -5.25
CA GLY A 34 -5.28 5.27 -5.56
C GLY A 34 -5.65 4.31 -6.66
N ASN A 35 -5.96 4.85 -7.84
CA ASN A 35 -6.34 4.02 -8.98
C ASN A 35 -5.11 3.38 -9.62
N GLY A 36 -4.52 2.42 -8.92
CA GLY A 36 -3.34 1.74 -9.43
C GLY A 36 -3.64 0.94 -10.69
N ILE A 37 -2.59 0.43 -11.32
CA ILE A 37 -2.74 -0.37 -12.54
C ILE A 37 -2.17 -1.77 -12.35
N ARG A 38 -2.87 -2.76 -12.92
CA ARG A 38 -2.43 -4.15 -12.81
C ARG A 38 -1.87 -4.64 -14.14
N GLU A 39 -0.68 -5.22 -14.10
CA GLU A 39 -0.02 -5.73 -15.30
C GLU A 39 -0.19 -7.24 -15.40
N ALA A 40 -0.75 -7.70 -16.52
CA ALA A 40 -0.96 -9.13 -16.75
C ALA A 40 -0.45 -9.54 -18.12
N THR A 41 -0.01 -10.80 -18.23
CA THR A 41 0.50 -11.32 -19.48
C THR A 41 -0.32 -12.51 -19.95
N CYS A 42 -0.96 -12.37 -21.11
CA CYS A 42 -1.77 -13.44 -21.69
C CYS A 42 -1.99 -13.22 -23.18
N ASN A 43 -1.90 -14.30 -23.94
CA ASN A 43 -2.09 -14.24 -25.39
C ASN A 43 -0.98 -13.41 -26.04
N GLU A 44 0.05 -13.11 -25.27
CA GLU A 44 1.18 -12.33 -25.77
C GLU A 44 0.76 -10.87 -26.00
N GLN A 45 0.68 -10.11 -24.92
CA GLN A 45 0.31 -8.70 -25.00
C GLN A 45 0.35 -8.04 -23.63
N THR A 46 0.32 -6.71 -23.62
CA THR A 46 0.36 -5.96 -22.38
C THR A 46 -0.91 -5.15 -22.17
N LYS A 47 -1.46 -5.22 -20.96
CA LYS A 47 -2.69 -4.50 -20.64
C LYS A 47 -2.67 -4.02 -19.19
N LYS A 48 -3.42 -2.97 -18.90
CA LYS A 48 -3.50 -2.41 -17.56
C LYS A 48 -4.94 -2.41 -17.05
N THR A 49 -5.13 -2.96 -15.85
CA THR A 49 -6.46 -3.02 -15.25
C THR A 49 -6.54 -2.15 -14.00
N LYS A 50 -7.61 -1.37 -13.89
CA LYS A 50 -7.80 -0.49 -12.74
C LYS A 50 -7.65 -1.27 -11.45
N CYS A 51 -7.03 -0.62 -10.45
CA CYS A 51 -6.82 -1.25 -9.15
C CYS A 51 -6.86 -0.21 -8.03
N LYS A 52 -7.03 -0.68 -6.80
CA LYS A 52 -7.08 0.20 -5.64
C LYS A 52 -6.04 -0.19 -4.61
N VAL A 53 -5.20 0.77 -4.22
CA VAL A 53 -4.16 0.53 -3.23
C VAL A 53 -4.55 1.08 -1.87
N PRO A 54 -4.03 0.46 -0.80
CA PRO A 54 -4.30 0.89 0.58
C PRO A 54 -3.65 2.22 0.91
N CYS A 55 -4.27 3.31 0.44
CA CYS A 55 -3.75 4.65 0.69
C CYS A 55 -4.69 5.42 1.62
N ASN A 56 -4.14 6.44 2.27
CA ASN A 56 -4.92 7.27 3.19
C ASN A 56 -5.38 8.55 2.51
N TRP A 57 -6.43 8.44 1.69
CA TRP A 57 -6.96 9.59 0.98
C TRP A 57 -7.25 10.74 1.95
N LYS A 58 -6.38 11.75 1.94
CA LYS A 58 -6.55 12.91 2.81
C LYS A 58 -5.62 14.04 2.39
N LYS A 59 -4.39 13.69 2.02
CA LYS A 59 -3.40 14.67 1.59
C LYS A 59 -3.13 15.68 2.70
N ASP A 60 -2.31 15.29 3.67
CA ASP A 60 -1.97 16.17 4.78
C ASP A 60 -0.98 15.48 5.72
N PHE A 61 0.03 16.22 6.15
CA PHE A 61 1.05 15.69 7.05
C PHE A 61 1.82 14.55 6.39
N GLY A 62 2.96 14.88 5.79
CA GLY A 62 3.77 13.87 5.12
C GLY A 62 5.06 14.44 4.56
N ALA A 63 5.90 13.56 4.01
CA ALA A 63 7.16 13.99 3.43
C ALA A 63 6.94 14.96 2.28
N ASP A 64 5.79 14.87 1.65
CA ASP A 64 5.46 15.74 0.53
C ASP A 64 6.58 15.75 -0.51
N CYS A 65 7.05 14.55 -0.87
CA CYS A 65 8.12 14.43 -1.86
C CYS A 65 7.62 13.72 -3.11
N LYS A 66 8.13 14.15 -4.26
CA LYS A 66 7.74 13.56 -5.54
C LYS A 66 8.83 12.63 -6.06
N TYR A 67 8.50 11.35 -6.22
CA TYR A 67 9.45 10.36 -6.71
C TYR A 67 9.10 9.92 -8.12
N LYS A 68 10.10 9.56 -8.90
CA LYS A 68 9.90 9.11 -10.27
C LYS A 68 10.48 7.71 -10.48
N PHE A 69 9.58 6.74 -10.66
CA PHE A 69 9.99 5.36 -10.86
C PHE A 69 10.15 5.05 -12.35
N GLY A 70 10.94 4.03 -12.66
CA GLY A 70 11.16 3.66 -14.05
C GLY A 70 10.59 2.29 -14.38
N ARG A 71 11.05 1.27 -13.65
CA ARG A 71 10.58 -0.09 -13.87
C ARG A 71 11.22 -1.05 -12.88
N TRP A 72 10.60 -2.21 -12.71
CA TRP A 72 11.11 -3.22 -11.77
C TRP A 72 12.14 -4.12 -12.46
N ALA A 73 12.41 -3.85 -13.73
CA ALA A 73 13.37 -4.63 -14.49
C ALA A 73 12.95 -6.10 -14.55
N GLU A 74 13.78 -6.92 -15.20
CA GLU A 74 13.50 -8.34 -15.33
C GLU A 74 13.59 -9.04 -13.98
N CYS A 75 13.24 -10.32 -13.96
CA CYS A 75 13.27 -11.10 -12.72
C CYS A 75 14.57 -11.90 -12.63
N ASP A 76 14.85 -12.40 -11.43
CA ASP A 76 16.06 -13.17 -11.20
C ASP A 76 15.76 -14.68 -11.18
N THR A 77 16.60 -15.46 -11.85
CA THR A 77 16.42 -16.90 -11.91
C THR A 77 16.72 -17.56 -10.56
N THR A 78 17.59 -16.92 -9.79
CA THR A 78 17.97 -17.44 -8.48
C THR A 78 17.18 -16.75 -7.37
N THR A 79 17.59 -15.53 -7.04
CA THR A 79 16.92 -14.77 -5.99
C THR A 79 15.41 -14.74 -6.21
N GLY A 80 15.00 -14.46 -7.43
CA GLY A 80 13.57 -14.41 -7.75
C GLY A 80 12.98 -13.04 -7.50
N THR A 81 13.81 -12.01 -7.57
CA THR A 81 13.35 -10.64 -7.36
C THR A 81 14.23 -9.65 -8.13
N ARG A 82 13.81 -8.39 -8.11
CA ARG A 82 14.55 -7.33 -8.80
C ARG A 82 14.41 -6.00 -8.07
N SER A 83 15.38 -5.11 -8.27
CA SER A 83 15.37 -3.80 -7.63
C SER A 83 15.09 -2.70 -8.65
N ARG A 84 14.46 -1.63 -8.19
CA ARG A 84 14.13 -0.51 -9.06
C ARG A 84 14.74 0.78 -8.53
N SER A 85 15.19 1.64 -9.45
CA SER A 85 15.80 2.91 -9.08
C SER A 85 14.96 4.08 -9.58
N GLY A 86 14.61 4.99 -8.68
CA GLY A 86 13.81 6.14 -9.04
C GLY A 86 14.49 7.45 -8.70
N THR A 87 14.31 8.46 -9.53
CA THR A 87 14.90 9.77 -9.31
C THR A 87 13.84 10.80 -8.93
N LEU A 88 14.04 11.43 -7.78
CA LEU A 88 13.10 12.44 -7.29
C LEU A 88 13.63 13.85 -7.55
N LYS A 89 12.73 14.76 -7.92
CA LYS A 89 13.11 16.14 -8.19
C LYS A 89 12.47 17.09 -7.19
N LYS A 90 11.21 16.83 -6.86
CA LYS A 90 10.49 17.67 -5.90
C LYS A 90 10.74 17.18 -4.47
N ALA A 91 11.14 18.11 -3.60
CA ALA A 91 11.41 17.79 -2.21
C ALA A 91 10.30 18.31 -1.30
N LEU A 92 10.24 19.63 -1.13
CA LEU A 92 9.23 20.24 -0.28
C LEU A 92 9.31 19.73 1.14
N PHE A 93 8.39 20.17 1.99
CA PHE A 93 8.36 19.75 3.38
C PHE A 93 9.67 20.12 4.09
N ASN A 94 10.37 21.11 3.54
CA ASN A 94 11.63 21.55 4.11
C ASN A 94 12.71 20.49 3.95
N ALA A 95 12.64 19.45 4.78
CA ALA A 95 13.60 18.36 4.73
C ALA A 95 13.70 17.77 3.33
N GLU A 96 14.91 17.71 2.79
CA GLU A 96 15.13 17.16 1.45
C GLU A 96 14.93 15.65 1.44
N CYS A 97 14.50 15.13 0.29
CA CYS A 97 14.27 13.70 0.15
C CYS A 97 15.39 13.04 -0.64
N GLN A 98 15.47 11.71 -0.56
CA GLN A 98 16.50 10.96 -1.28
C GLN A 98 16.30 11.07 -2.79
N THR A 99 17.30 11.60 -3.48
CA THR A 99 17.23 11.75 -4.93
C THR A 99 17.24 10.40 -5.62
N THR A 100 17.51 9.34 -4.86
CA THR A 100 17.55 7.99 -5.40
C THR A 100 16.86 7.00 -4.47
N ILE A 101 16.07 6.10 -5.04
CA ILE A 101 15.35 5.11 -4.26
C ILE A 101 15.81 3.69 -4.61
N LYS A 102 15.95 2.85 -3.60
CA LYS A 102 16.38 1.48 -3.80
C LYS A 102 15.34 0.49 -3.27
N VAL A 103 14.41 0.11 -4.13
CA VAL A 103 13.35 -0.82 -3.76
C VAL A 103 13.55 -2.17 -4.45
N SER A 104 12.97 -3.22 -3.85
CA SER A 104 13.08 -4.56 -4.41
C SER A 104 11.84 -5.39 -4.08
N LYS A 105 11.42 -6.22 -5.03
CA LYS A 105 10.26 -7.06 -4.84
C LYS A 105 10.38 -8.35 -5.65
N PRO A 106 9.93 -9.46 -5.05
CA PRO A 106 9.98 -10.78 -5.69
C PRO A 106 9.01 -10.90 -6.86
N CYS A 107 9.37 -11.71 -7.85
CA CYS A 107 8.52 -11.90 -9.03
C CYS A 107 8.63 -13.35 -9.53
N THR A 108 7.63 -13.76 -10.32
CA THR A 108 7.60 -15.11 -10.86
C THR A 108 8.07 -15.13 -12.31
N PRO A 109 8.73 -16.22 -12.71
CA PRO A 109 9.26 -16.39 -14.07
C PRO A 109 8.14 -16.56 -15.09
N LYS A 110 6.97 -16.97 -14.62
CA LYS A 110 5.82 -17.19 -15.50
C LYS A 110 6.10 -18.30 -16.50
N THR A 111 5.03 -18.87 -17.05
CA THR A 111 5.16 -19.94 -18.03
C THR A 111 4.46 -19.58 -19.34
N PRO A 112 4.86 -20.27 -20.43
CA PRO A 112 4.28 -20.05 -21.76
C PRO A 112 2.84 -20.52 -21.85
N LYS A 113 2.30 -20.54 -23.07
CA LYS A 113 0.93 -20.97 -23.30
C LYS A 113 0.84 -21.83 -24.56
N PRO A 114 -0.22 -22.65 -24.64
CA PRO A 114 -0.45 -23.54 -25.78
C PRO A 114 -0.84 -22.76 -27.03
N LYS A 115 -0.83 -23.46 -28.17
CA LYS A 115 -1.19 -22.84 -29.44
C LYS A 115 -2.35 -23.57 -30.10
N GLY A 116 -2.90 -22.97 -31.16
CA GLY A 116 -4.02 -23.59 -31.86
C GLY A 116 -4.51 -22.74 -33.01
N GLY A 117 -4.91 -23.40 -34.10
CA GLY A 117 -5.40 -22.68 -35.26
C GLY A 117 -6.41 -23.48 -36.05
N GLU A 118 -6.74 -23.00 -37.25
CA GLU A 118 -7.71 -23.68 -38.10
C GLU A 118 -7.37 -23.47 -39.57
N LYS A 119 -8.19 -24.06 -40.44
CA LYS A 119 -7.98 -23.93 -41.89
C LYS A 119 -8.88 -22.85 -42.48
N LYS A 120 -8.72 -22.59 -43.77
CA LYS A 120 -9.51 -21.57 -44.44
C LYS A 120 -10.10 -22.13 -45.74
N LYS A 121 -10.67 -21.24 -46.54
CA LYS A 121 -11.28 -21.63 -47.82
C LYS A 121 -10.37 -21.27 -48.98
N GLY A 122 -10.78 -21.63 -50.19
CA GLY A 122 -10.01 -21.32 -51.38
C GLY A 122 -10.51 -22.04 -52.61
N LYS A 123 -10.34 -21.42 -53.77
CA LYS A 123 -10.79 -22.00 -55.03
C LYS A 123 -9.94 -21.51 -56.19
N GLY A 124 -10.33 -21.87 -57.41
CA GLY A 124 -9.60 -21.44 -58.58
C GLY A 124 -9.43 -22.57 -59.59
N LYS A 125 -9.82 -22.31 -60.83
CA LYS A 125 -9.71 -23.31 -61.90
C LYS A 125 -8.83 -22.79 -63.03
N GLU A 126 -8.78 -23.55 -64.12
CA GLU A 126 -7.98 -23.17 -65.28
C GLU A 126 -8.67 -23.57 -66.58
N ASN A 127 -8.03 -23.26 -67.70
CA ASN A 127 -8.58 -23.60 -69.01
C ASN A 127 -9.97 -23.00 -69.18
N GLY A 1 -49.04 -7.51 -3.71
CA GLY A 1 -47.76 -8.20 -3.75
C GLY A 1 -47.91 -9.69 -3.95
N SER A 2 -46.80 -10.35 -4.28
CA SER A 2 -46.82 -11.80 -4.51
C SER A 2 -45.41 -12.31 -4.78
N MET A 3 -44.74 -12.77 -3.72
CA MET A 3 -43.38 -13.29 -3.84
C MET A 3 -43.31 -14.74 -3.37
N LYS A 4 -43.14 -15.66 -4.32
CA LYS A 4 -43.07 -17.08 -4.00
C LYS A 4 -41.91 -17.74 -4.75
N LYS A 5 -40.85 -16.98 -4.97
CA LYS A 5 -39.68 -17.50 -5.68
C LYS A 5 -39.01 -18.63 -4.90
N LYS A 6 -38.87 -19.78 -5.53
CA LYS A 6 -38.26 -20.94 -4.89
C LYS A 6 -37.61 -21.85 -5.93
N GLU A 7 -36.57 -22.56 -5.52
CA GLU A 7 -35.86 -23.47 -6.41
C GLU A 7 -34.72 -24.17 -5.69
N LYS A 8 -34.90 -25.48 -5.45
CA LYS A 8 -33.88 -26.27 -4.77
C LYS A 8 -33.18 -27.21 -5.73
N GLY A 9 -31.87 -27.35 -5.58
CA GLY A 9 -31.10 -28.23 -6.45
C GLY A 9 -29.72 -27.69 -6.74
N LYS A 10 -28.76 -28.59 -6.97
CA LYS A 10 -27.39 -28.20 -7.25
C LYS A 10 -26.62 -29.35 -7.90
N GLU A 11 -26.45 -29.28 -9.21
CA GLU A 11 -25.73 -30.33 -9.94
C GLU A 11 -24.24 -30.21 -9.71
N PRO A 12 -23.54 -31.35 -9.83
CA PRO A 12 -22.08 -31.40 -9.63
C PRO A 12 -21.32 -30.70 -10.76
N LYS A 13 -20.46 -29.76 -10.37
CA LYS A 13 -19.66 -29.02 -11.35
C LYS A 13 -18.18 -29.34 -11.19
N ALA A 14 -17.62 -30.03 -12.19
CA ALA A 14 -16.21 -30.39 -12.16
C ALA A 14 -15.33 -29.20 -12.51
N ASP A 15 -15.66 -28.51 -13.59
CA ASP A 15 -14.90 -27.35 -14.03
C ASP A 15 -15.82 -26.26 -14.57
N ALA A 16 -15.55 -25.01 -14.20
CA ALA A 16 -16.37 -23.89 -14.65
C ALA A 16 -15.78 -22.56 -14.17
N GLU A 17 -16.50 -21.48 -14.41
CA GLU A 17 -16.05 -20.15 -14.00
C GLU A 17 -16.32 -19.92 -12.52
N CYS A 18 -15.44 -19.16 -11.88
CA CYS A 18 -15.58 -18.86 -10.45
C CYS A 18 -16.73 -17.90 -10.22
N SER A 19 -16.96 -17.00 -11.17
CA SER A 19 -18.02 -16.01 -11.06
C SER A 19 -17.69 -14.95 -10.02
N GLU A 20 -17.68 -15.35 -8.75
CA GLU A 20 -17.38 -14.44 -7.66
C GLU A 20 -15.89 -14.48 -7.32
N TRP A 21 -15.09 -13.82 -8.15
CA TRP A 21 -13.65 -13.78 -7.93
C TRP A 21 -13.29 -12.90 -6.74
N GLN A 22 -12.66 -13.50 -5.74
CA GLN A 22 -12.27 -12.77 -4.54
C GLN A 22 -11.00 -11.94 -4.79
N TYR A 23 -11.19 -10.65 -5.02
CA TYR A 23 -10.07 -9.75 -5.28
C TYR A 23 -9.43 -9.30 -3.98
N GLY A 24 -8.11 -9.08 -4.00
CA GLY A 24 -7.41 -8.65 -2.81
C GLY A 24 -7.31 -7.14 -2.73
N LYS A 25 -6.59 -6.65 -1.71
CA LYS A 25 -6.42 -5.22 -1.51
C LYS A 25 -5.74 -4.58 -2.72
N CYS A 26 -5.95 -3.29 -2.90
CA CYS A 26 -5.36 -2.55 -4.02
C CYS A 26 -4.19 -1.70 -3.55
N VAL A 27 -2.97 -2.09 -3.93
CA VAL A 27 -1.77 -1.36 -3.55
C VAL A 27 -1.11 -0.73 -4.77
N PRO A 28 -0.86 0.59 -4.69
CA PRO A 28 -0.22 1.35 -5.77
C PRO A 28 1.25 0.98 -5.95
N ASN A 29 1.77 1.23 -7.14
CA ASN A 29 3.17 0.93 -7.45
C ASN A 29 3.83 2.10 -8.14
N SER A 30 3.25 2.53 -9.27
CA SER A 30 3.80 3.65 -10.03
C SER A 30 3.34 4.99 -9.45
N GLY A 31 3.75 5.24 -8.21
CA GLY A 31 3.37 6.48 -7.56
C GLY A 31 2.83 6.26 -6.15
N ASP A 32 2.86 7.31 -5.34
CA ASP A 32 2.37 7.23 -3.97
C ASP A 32 0.95 6.66 -3.94
N CYS A 33 0.11 7.13 -4.86
CA CYS A 33 -1.27 6.67 -4.93
C CYS A 33 -1.83 6.85 -6.35
N GLY A 34 -2.76 5.97 -6.71
CA GLY A 34 -3.36 6.04 -8.04
C GLY A 34 -3.72 4.68 -8.58
N ASN A 35 -3.17 4.33 -9.74
CA ASN A 35 -3.44 3.05 -10.36
C ASN A 35 -2.63 1.94 -9.70
N GLY A 36 -3.30 1.16 -8.84
CA GLY A 36 -2.63 0.08 -8.15
C GLY A 36 -2.97 -1.28 -8.74
N ILE A 37 -2.66 -2.34 -8.00
CA ILE A 37 -2.94 -3.69 -8.46
C ILE A 37 -3.49 -4.55 -7.31
N ARG A 38 -4.36 -5.49 -7.65
CA ARG A 38 -4.97 -6.38 -6.66
C ARG A 38 -4.86 -7.83 -7.10
N GLU A 39 -4.47 -8.70 -6.17
CA GLU A 39 -4.32 -10.12 -6.46
C GLU A 39 -5.57 -10.90 -6.00
N ALA A 40 -6.03 -11.80 -6.86
CA ALA A 40 -7.20 -12.60 -6.55
C ALA A 40 -6.91 -14.10 -6.74
N THR A 41 -7.60 -14.93 -5.96
CA THR A 41 -7.41 -16.38 -6.06
C THR A 41 -8.73 -17.08 -6.35
N CYS A 42 -8.80 -17.74 -7.50
CA CYS A 42 -10.00 -18.46 -7.90
C CYS A 42 -9.69 -19.50 -8.98
N ASN A 43 -10.28 -20.67 -8.85
CA ASN A 43 -10.07 -21.75 -9.80
C ASN A 43 -8.63 -22.25 -9.74
N GLU A 44 -7.89 -21.82 -8.72
CA GLU A 44 -6.51 -22.21 -8.55
C GLU A 44 -5.61 -21.55 -9.59
N GLN A 45 -5.19 -20.32 -9.30
CA GLN A 45 -4.33 -19.57 -10.20
C GLN A 45 -3.98 -18.20 -9.61
N THR A 46 -3.27 -17.39 -10.40
CA THR A 46 -2.89 -16.06 -9.96
C THR A 46 -3.02 -15.04 -11.09
N LYS A 47 -3.76 -13.97 -10.82
CA LYS A 47 -3.96 -12.92 -11.81
C LYS A 47 -4.04 -11.55 -11.15
N LYS A 48 -3.36 -10.57 -11.74
CA LYS A 48 -3.35 -9.21 -11.20
C LYS A 48 -4.24 -8.29 -12.04
N THR A 49 -5.14 -7.58 -11.37
CA THR A 49 -6.04 -6.67 -12.07
C THR A 49 -5.73 -5.22 -11.70
N LYS A 50 -6.10 -4.30 -12.59
CA LYS A 50 -5.86 -2.88 -12.36
C LYS A 50 -6.86 -2.33 -11.34
N CYS A 51 -6.36 -1.50 -10.42
CA CYS A 51 -7.20 -0.90 -9.39
C CYS A 51 -6.88 0.58 -9.23
N LYS A 52 -7.74 1.28 -8.50
CA LYS A 52 -7.55 2.71 -8.27
C LYS A 52 -7.96 3.09 -6.85
N VAL A 53 -7.05 3.76 -6.15
CA VAL A 53 -7.31 4.18 -4.77
C VAL A 53 -7.94 5.57 -4.73
N PRO A 54 -8.73 5.84 -3.68
CA PRO A 54 -9.40 7.13 -3.50
C PRO A 54 -8.42 8.25 -3.17
N CYS A 55 -7.72 8.73 -4.19
CA CYS A 55 -6.75 9.81 -4.01
C CYS A 55 -7.21 11.08 -4.71
N ASN A 56 -6.52 12.18 -4.44
CA ASN A 56 -6.86 13.46 -5.04
C ASN A 56 -5.62 14.13 -5.64
N TRP A 57 -4.62 13.31 -5.97
CA TRP A 57 -3.38 13.82 -6.55
C TRP A 57 -2.80 14.94 -5.68
N LYS A 58 -3.00 14.84 -4.37
CA LYS A 58 -2.50 15.84 -3.44
C LYS A 58 -2.49 15.29 -2.02
N LYS A 59 -1.33 14.81 -1.58
CA LYS A 59 -1.17 14.25 -0.24
C LYS A 59 -1.21 15.36 0.80
N ASP A 60 -0.12 16.12 0.90
CA ASP A 60 -0.04 17.20 1.87
C ASP A 60 -0.28 16.69 3.29
N PHE A 61 0.50 15.70 3.70
CA PHE A 61 0.37 15.12 5.03
C PHE A 61 1.48 14.10 5.30
N GLY A 62 2.70 14.47 4.93
CA GLY A 62 3.83 13.57 5.13
C GLY A 62 5.12 14.15 4.59
N ALA A 63 5.85 13.36 3.83
CA ALA A 63 7.12 13.79 3.25
C ALA A 63 6.90 14.80 2.13
N ASP A 64 5.76 14.69 1.46
CA ASP A 64 5.43 15.59 0.37
C ASP A 64 6.58 15.68 -0.63
N CYS A 65 7.11 14.52 -1.03
CA CYS A 65 8.21 14.47 -1.97
C CYS A 65 7.78 13.79 -3.26
N LYS A 66 8.29 14.28 -4.39
CA LYS A 66 7.97 13.71 -5.69
C LYS A 66 9.07 12.76 -6.15
N TYR A 67 8.70 11.49 -6.34
CA TYR A 67 9.65 10.48 -6.79
C TYR A 67 9.33 10.01 -8.20
N LYS A 68 10.37 9.72 -8.97
CA LYS A 68 10.21 9.27 -10.34
C LYS A 68 10.69 7.82 -10.50
N PHE A 69 9.74 6.91 -10.70
CA PHE A 69 10.07 5.50 -10.87
C PHE A 69 10.28 5.16 -12.34
N GLY A 70 11.02 4.08 -12.60
CA GLY A 70 11.28 3.67 -13.95
C GLY A 70 10.61 2.36 -14.30
N ARG A 71 10.97 1.30 -13.59
CA ARG A 71 10.40 -0.02 -13.84
C ARG A 71 10.98 -1.06 -12.87
N TRP A 72 10.24 -2.14 -12.65
CA TRP A 72 10.69 -3.19 -11.75
C TRP A 72 11.64 -4.15 -12.46
N ALA A 73 11.92 -3.87 -13.73
CA ALA A 73 12.82 -4.70 -14.51
C ALA A 73 12.36 -6.16 -14.49
N GLU A 74 13.18 -7.04 -15.09
CA GLU A 74 12.86 -8.45 -15.14
C GLU A 74 13.47 -9.18 -13.94
N CYS A 75 12.66 -10.02 -13.29
CA CYS A 75 13.11 -10.78 -12.14
C CYS A 75 14.28 -11.68 -12.50
N ASP A 76 15.25 -11.77 -11.59
CA ASP A 76 16.43 -12.60 -11.83
C ASP A 76 16.23 -13.99 -11.23
N THR A 77 16.64 -15.01 -11.98
CA THR A 77 16.51 -16.39 -11.53
C THR A 77 17.49 -16.70 -10.41
N THR A 78 18.42 -15.77 -10.17
CA THR A 78 19.42 -15.95 -9.13
C THR A 78 18.98 -15.29 -7.83
N THR A 79 17.67 -15.29 -7.58
CA THR A 79 17.13 -14.70 -6.37
C THR A 79 15.60 -14.73 -6.39
N GLY A 80 15.02 -14.53 -7.57
CA GLY A 80 13.58 -14.54 -7.70
C GLY A 80 12.96 -13.20 -7.38
N THR A 81 13.74 -12.13 -7.55
CA THR A 81 13.27 -10.78 -7.27
C THR A 81 14.01 -9.75 -8.13
N ARG A 82 13.56 -8.51 -8.06
CA ARG A 82 14.17 -7.43 -8.83
C ARG A 82 14.05 -6.10 -8.09
N SER A 83 15.06 -5.24 -8.25
CA SER A 83 15.08 -3.94 -7.59
C SER A 83 14.85 -2.82 -8.61
N ARG A 84 14.24 -1.74 -8.15
CA ARG A 84 13.96 -0.59 -9.01
C ARG A 84 14.61 0.67 -8.46
N SER A 85 15.11 1.52 -9.36
CA SER A 85 15.76 2.76 -8.97
C SER A 85 14.98 3.97 -9.48
N GLY A 86 14.64 4.89 -8.58
CA GLY A 86 13.90 6.07 -8.96
C GLY A 86 14.61 7.35 -8.58
N THR A 87 14.50 8.36 -9.42
CA THR A 87 15.14 9.65 -9.18
C THR A 87 14.12 10.73 -8.84
N LEU A 88 14.29 11.36 -7.69
CA LEU A 88 13.38 12.41 -7.25
C LEU A 88 13.98 13.79 -7.50
N LYS A 89 13.13 14.73 -7.89
CA LYS A 89 13.58 16.10 -8.16
C LYS A 89 12.94 17.08 -7.18
N LYS A 90 11.65 16.88 -6.90
CA LYS A 90 10.93 17.74 -5.98
C LYS A 90 11.00 17.20 -4.55
N ALA A 91 11.42 18.07 -3.62
CA ALA A 91 11.52 17.68 -2.22
C ALA A 91 10.35 18.22 -1.41
N LEU A 92 10.36 19.54 -1.19
CA LEU A 92 9.30 20.18 -0.42
C LEU A 92 9.28 19.68 1.02
N PHE A 93 8.29 20.11 1.78
CA PHE A 93 8.15 19.70 3.17
C PHE A 93 9.35 20.19 4.00
N ASN A 94 10.09 21.14 3.45
CA ASN A 94 11.25 21.69 4.14
C ASN A 94 12.19 20.57 4.59
N ALA A 95 12.19 19.47 3.86
CA ALA A 95 13.04 18.33 4.19
C ALA A 95 13.52 17.63 2.93
N GLU A 96 14.83 17.68 2.69
CA GLU A 96 15.43 17.05 1.52
C GLU A 96 15.14 15.55 1.51
N CYS A 97 14.69 15.05 0.37
CA CYS A 97 14.38 13.63 0.22
C CYS A 97 15.49 12.91 -0.54
N GLN A 98 15.49 11.59 -0.44
CA GLN A 98 16.50 10.78 -1.12
C GLN A 98 16.36 10.89 -2.63
N THR A 99 17.42 11.38 -3.29
CA THR A 99 17.41 11.54 -4.73
C THR A 99 17.40 10.20 -5.43
N THR A 100 17.58 9.13 -4.67
CA THR A 100 17.60 7.77 -5.23
C THR A 100 16.86 6.80 -4.31
N ILE A 101 16.05 5.94 -4.91
CA ILE A 101 15.29 4.95 -4.15
C ILE A 101 15.73 3.54 -4.50
N LYS A 102 15.81 2.68 -3.49
CA LYS A 102 16.21 1.29 -3.69
C LYS A 102 15.14 0.34 -3.19
N VAL A 103 14.21 -0.03 -4.07
CA VAL A 103 13.13 -0.94 -3.71
C VAL A 103 13.30 -2.29 -4.39
N SER A 104 12.63 -3.30 -3.86
CA SER A 104 12.71 -4.65 -4.41
C SER A 104 11.39 -5.40 -4.22
N LYS A 105 11.10 -6.32 -5.14
CA LYS A 105 9.87 -7.10 -5.08
C LYS A 105 10.07 -8.46 -5.75
N PRO A 106 9.93 -9.53 -4.95
CA PRO A 106 10.08 -10.91 -5.45
C PRO A 106 8.93 -11.32 -6.37
N CYS A 107 9.29 -11.79 -7.56
CA CYS A 107 8.30 -12.21 -8.55
C CYS A 107 8.81 -13.40 -9.36
N THR A 108 7.88 -14.15 -9.95
CA THR A 108 8.23 -15.32 -10.74
C THR A 108 8.03 -15.05 -12.22
N PRO A 109 8.91 -15.64 -13.06
CA PRO A 109 8.86 -15.47 -14.52
C PRO A 109 7.65 -16.18 -15.13
N LYS A 110 7.41 -17.41 -14.68
CA LYS A 110 6.29 -18.21 -15.19
C LYS A 110 6.41 -18.41 -16.70
N THR A 111 7.13 -19.45 -17.10
CA THR A 111 7.32 -19.75 -18.51
C THR A 111 5.97 -19.90 -19.22
N PRO A 112 5.99 -19.76 -20.56
CA PRO A 112 4.79 -19.87 -21.38
C PRO A 112 4.26 -21.30 -21.44
N LYS A 113 3.10 -21.53 -20.82
CA LYS A 113 2.49 -22.85 -20.81
C LYS A 113 2.33 -23.39 -22.23
N PRO A 114 1.55 -22.66 -23.04
CA PRO A 114 1.30 -23.05 -24.43
C PRO A 114 2.54 -22.90 -25.31
N LYS A 115 2.45 -23.40 -26.55
CA LYS A 115 3.56 -23.33 -27.49
C LYS A 115 3.15 -23.83 -28.86
N GLY A 116 3.33 -23.00 -29.88
CA GLY A 116 2.97 -23.38 -31.23
C GLY A 116 3.50 -22.42 -32.27
N GLY A 117 2.62 -21.96 -33.16
CA GLY A 117 3.03 -21.03 -34.19
C GLY A 117 1.86 -20.57 -35.05
N GLU A 118 1.82 -21.05 -36.28
CA GLU A 118 0.76 -20.68 -37.21
C GLU A 118 0.42 -21.85 -38.15
N LYS A 119 -0.64 -21.67 -38.93
CA LYS A 119 -1.07 -22.71 -39.86
C LYS A 119 -0.88 -22.26 -41.30
N LYS A 120 -0.91 -23.21 -42.23
CA LYS A 120 -0.74 -22.90 -43.64
C LYS A 120 -0.98 -24.14 -44.50
N LYS A 121 -0.71 -24.03 -45.79
CA LYS A 121 -0.90 -25.13 -46.72
C LYS A 121 0.22 -25.17 -47.76
N GLY A 122 0.35 -26.31 -48.43
CA GLY A 122 1.39 -26.46 -49.43
C GLY A 122 0.95 -27.34 -50.59
N LYS A 123 1.75 -27.35 -51.66
CA LYS A 123 1.43 -28.15 -52.83
C LYS A 123 2.71 -28.73 -53.45
N GLY A 124 2.54 -29.65 -54.40
CA GLY A 124 3.68 -30.26 -55.05
C GLY A 124 3.82 -29.83 -56.50
N LYS A 125 4.02 -28.54 -56.72
CA LYS A 125 4.17 -28.02 -58.07
C LYS A 125 5.37 -27.09 -58.16
N GLU A 126 6.36 -27.47 -58.96
CA GLU A 126 7.57 -26.68 -59.14
C GLU A 126 8.02 -26.69 -60.59
N ASN A 127 9.12 -25.98 -60.87
CA ASN A 127 9.65 -25.91 -62.22
C ASN A 127 10.68 -27.01 -62.46
N GLY A 1 -25.86 -33.90 64.97
CA GLY A 1 -26.86 -32.86 64.99
C GLY A 1 -26.38 -31.58 64.34
N SER A 2 -26.74 -31.39 63.06
CA SER A 2 -26.32 -30.21 62.32
C SER A 2 -27.36 -29.09 62.44
N MET A 3 -26.90 -27.88 62.69
CA MET A 3 -27.78 -26.73 62.83
C MET A 3 -28.15 -26.16 61.47
N LYS A 4 -29.19 -25.34 61.43
CA LYS A 4 -29.66 -24.73 60.19
C LYS A 4 -29.70 -23.21 60.32
N LYS A 5 -29.49 -22.52 59.21
CA LYS A 5 -29.51 -21.06 59.19
C LYS A 5 -29.99 -20.54 57.84
N LYS A 6 -30.79 -19.48 57.86
CA LYS A 6 -31.31 -18.87 56.64
C LYS A 6 -30.53 -17.62 56.28
N GLU A 7 -29.96 -17.60 55.09
CA GLU A 7 -29.18 -16.45 54.63
C GLU A 7 -29.62 -16.03 53.23
N LYS A 8 -30.36 -14.93 53.15
CA LYS A 8 -30.85 -14.41 51.88
C LYS A 8 -29.70 -13.84 51.04
N GLY A 9 -30.00 -13.48 49.80
CA GLY A 9 -28.98 -12.93 48.92
C GLY A 9 -29.52 -12.55 47.57
N LYS A 10 -28.91 -11.56 46.94
CA LYS A 10 -29.33 -11.09 45.62
C LYS A 10 -28.31 -10.14 45.02
N GLU A 11 -28.51 -9.79 43.76
CA GLU A 11 -27.61 -8.87 43.06
C GLU A 11 -27.89 -7.42 43.47
N PRO A 12 -26.86 -6.57 43.39
CA PRO A 12 -26.97 -5.16 43.73
C PRO A 12 -27.82 -4.38 42.73
N LYS A 13 -29.11 -4.25 43.03
CA LYS A 13 -30.03 -3.53 42.16
C LYS A 13 -30.03 -2.04 42.49
N ALA A 14 -29.22 -1.28 41.77
CA ALA A 14 -29.13 0.16 41.98
C ALA A 14 -30.33 0.88 41.38
N ASP A 15 -30.84 0.34 40.28
CA ASP A 15 -32.00 0.93 39.61
C ASP A 15 -31.67 2.33 39.09
N ALA A 16 -32.57 2.89 38.30
CA ALA A 16 -32.38 4.22 37.73
C ALA A 16 -33.67 4.76 37.13
N GLU A 17 -33.89 6.07 37.28
CA GLU A 17 -35.09 6.70 36.76
C GLU A 17 -34.80 7.39 35.42
N CYS A 18 -35.84 7.57 34.61
CA CYS A 18 -35.70 8.21 33.31
C CYS A 18 -34.98 7.29 32.33
N SER A 19 -33.69 7.07 32.56
CA SER A 19 -32.89 6.21 31.70
C SER A 19 -32.58 6.91 30.38
N GLU A 20 -33.63 7.14 29.59
CA GLU A 20 -33.47 7.81 28.29
C GLU A 20 -32.75 9.14 28.45
N TRP A 21 -33.34 10.04 29.21
CA TRP A 21 -32.76 11.36 29.44
C TRP A 21 -32.66 12.14 28.14
N GLN A 22 -33.51 13.16 28.00
CA GLN A 22 -33.51 13.98 26.80
C GLN A 22 -32.17 14.66 26.59
N TYR A 23 -31.35 14.08 25.72
CA TYR A 23 -30.03 14.62 25.44
C TYR A 23 -30.10 15.75 24.42
N GLY A 24 -29.47 16.88 24.75
CA GLY A 24 -29.48 18.02 23.85
C GLY A 24 -28.53 17.85 22.68
N LYS A 25 -28.46 18.88 21.84
CA LYS A 25 -27.58 18.84 20.67
C LYS A 25 -26.11 18.73 21.10
N CYS A 26 -25.27 18.22 20.21
CA CYS A 26 -23.86 18.06 20.49
C CYS A 26 -23.04 19.14 19.79
N VAL A 27 -22.49 20.06 20.58
CA VAL A 27 -21.68 21.15 20.03
C VAL A 27 -20.22 21.01 20.46
N PRO A 28 -19.30 21.05 19.47
CA PRO A 28 -17.87 20.93 19.72
C PRO A 28 -17.30 22.16 20.41
N ASN A 29 -16.74 21.96 21.60
CA ASN A 29 -16.15 23.06 22.37
C ASN A 29 -14.64 23.07 22.23
N SER A 30 -14.03 21.89 22.30
CA SER A 30 -12.58 21.75 22.18
C SER A 30 -12.14 21.88 20.74
N GLY A 31 -12.28 23.08 20.18
CA GLY A 31 -11.88 23.31 18.80
C GLY A 31 -13.07 23.53 17.89
N ASP A 32 -12.85 23.39 16.59
CA ASP A 32 -13.91 23.57 15.60
C ASP A 32 -14.82 22.34 15.54
N CYS A 33 -14.20 21.16 15.59
CA CYS A 33 -14.95 19.91 15.53
C CYS A 33 -14.18 18.79 16.21
N GLY A 34 -14.91 17.83 16.77
CA GLY A 34 -14.27 16.70 17.45
C GLY A 34 -15.09 16.21 18.63
N ASN A 35 -14.58 16.47 19.83
CA ASN A 35 -15.27 16.04 21.05
C ASN A 35 -16.07 17.19 21.66
N GLY A 36 -17.38 17.16 21.46
CA GLY A 36 -18.23 18.21 21.99
C GLY A 36 -18.98 17.77 23.23
N ILE A 37 -20.00 18.53 23.62
CA ILE A 37 -20.79 18.22 24.79
C ILE A 37 -22.28 18.47 24.53
N ARG A 38 -23.13 17.74 25.24
CA ARG A 38 -24.58 17.89 25.08
C ARG A 38 -25.26 18.02 26.44
N GLU A 39 -26.11 19.02 26.58
CA GLU A 39 -26.83 19.26 27.83
C GLU A 39 -28.16 18.50 27.85
N ALA A 40 -28.46 17.86 28.97
CA ALA A 40 -29.70 17.11 29.12
C ALA A 40 -30.36 17.39 30.47
N THR A 41 -31.69 17.45 30.47
CA THR A 41 -32.44 17.71 31.69
C THR A 41 -33.59 16.73 31.85
N CYS A 42 -33.56 15.97 32.94
CA CYS A 42 -34.61 14.98 33.21
C CYS A 42 -34.76 14.76 34.71
N ASN A 43 -35.95 14.39 35.13
CA ASN A 43 -36.24 14.14 36.54
C ASN A 43 -36.18 15.43 37.34
N GLU A 44 -34.98 15.96 37.54
CA GLU A 44 -34.79 17.20 38.28
C GLU A 44 -33.32 17.52 38.43
N GLN A 45 -32.54 17.20 37.40
CA GLN A 45 -31.10 17.47 37.42
C GLN A 45 -30.59 17.76 36.01
N THR A 46 -29.56 18.59 35.91
CA THR A 46 -28.97 18.95 34.63
C THR A 46 -27.51 18.53 34.55
N LYS A 47 -27.18 17.76 33.52
CA LYS A 47 -25.82 17.29 33.33
C LYS A 47 -25.42 17.34 31.85
N LYS A 48 -24.12 17.49 31.60
CA LYS A 48 -23.62 17.55 30.23
C LYS A 48 -22.78 16.32 29.90
N THR A 49 -23.09 15.67 28.79
CA THR A 49 -22.35 14.47 28.37
C THR A 49 -21.53 14.75 27.12
N LYS A 50 -20.35 14.13 27.04
CA LYS A 50 -19.47 14.32 25.90
C LYS A 50 -20.10 13.76 24.63
N CYS A 51 -19.65 14.25 23.48
CA CYS A 51 -20.17 13.81 22.20
C CYS A 51 -19.08 13.84 21.13
N LYS A 52 -19.39 13.29 19.96
CA LYS A 52 -18.44 13.26 18.85
C LYS A 52 -19.14 13.56 17.53
N VAL A 53 -18.61 14.53 16.79
CA VAL A 53 -19.18 14.91 15.51
C VAL A 53 -18.44 14.24 14.36
N PRO A 54 -19.15 14.02 13.24
CA PRO A 54 -18.58 13.39 12.05
C PRO A 54 -17.57 14.29 11.34
N CYS A 55 -16.37 14.38 11.90
CA CYS A 55 -15.31 15.20 11.33
C CYS A 55 -14.16 14.35 10.83
N ASN A 56 -13.82 14.51 9.55
CA ASN A 56 -12.73 13.75 8.94
C ASN A 56 -11.40 14.08 9.60
N TRP A 57 -11.27 15.33 10.05
CA TRP A 57 -10.03 15.77 10.70
C TRP A 57 -8.84 15.63 9.77
N LYS A 58 -7.67 16.06 10.24
CA LYS A 58 -6.45 15.97 9.44
C LYS A 58 -6.17 14.53 9.03
N LYS A 59 -5.37 14.35 7.98
CA LYS A 59 -5.02 13.03 7.50
C LYS A 59 -3.54 12.74 7.71
N ASP A 60 -3.08 11.63 7.17
CA ASP A 60 -1.68 11.24 7.30
C ASP A 60 -0.79 12.05 6.36
N PHE A 61 0.49 12.12 6.67
CA PHE A 61 1.44 12.86 5.84
C PHE A 61 2.59 11.96 5.39
N GLY A 62 3.61 12.57 4.80
CA GLY A 62 4.76 11.81 4.33
C GLY A 62 5.90 12.70 3.89
N ALA A 63 6.80 12.14 3.08
CA ALA A 63 7.95 12.90 2.59
C ALA A 63 7.51 14.07 1.72
N ASP A 64 6.33 13.95 1.13
CA ASP A 64 5.79 15.00 0.26
C ASP A 64 6.81 15.40 -0.80
N CYS A 65 7.58 14.43 -1.28
CA CYS A 65 8.59 14.68 -2.30
C CYS A 65 8.25 13.95 -3.59
N LYS A 66 8.54 14.59 -4.72
CA LYS A 66 8.27 14.00 -6.03
C LYS A 66 9.36 13.01 -6.42
N TYR A 67 8.96 11.88 -6.99
CA TYR A 67 9.90 10.85 -7.41
C TYR A 67 9.65 10.44 -8.86
N LYS A 68 10.72 10.07 -9.55
CA LYS A 68 10.63 9.65 -10.95
C LYS A 68 10.93 8.16 -11.09
N PHE A 69 9.91 7.37 -11.40
CA PHE A 69 10.07 5.94 -11.57
C PHE A 69 10.18 5.57 -13.04
N GLY A 70 10.78 4.42 -13.31
CA GLY A 70 10.93 3.97 -14.69
C GLY A 70 10.25 2.65 -14.94
N ARG A 71 10.72 1.60 -14.27
CA ARG A 71 10.15 0.26 -14.44
C ARG A 71 10.53 -0.64 -13.27
N TRP A 72 9.62 -1.52 -12.89
CA TRP A 72 9.87 -2.45 -11.79
C TRP A 72 10.92 -3.49 -12.17
N ALA A 73 11.26 -3.55 -13.45
CA ALA A 73 12.25 -4.49 -13.94
C ALA A 73 11.78 -5.93 -13.75
N GLU A 74 12.59 -6.88 -14.21
CA GLU A 74 12.25 -8.29 -14.09
C GLU A 74 12.88 -8.89 -12.83
N CYS A 75 12.54 -10.15 -12.56
CA CYS A 75 13.06 -10.84 -11.39
C CYS A 75 14.31 -11.66 -11.76
N ASP A 76 15.42 -11.33 -11.11
CA ASP A 76 16.67 -12.03 -11.36
C ASP A 76 16.63 -13.45 -10.79
N THR A 77 17.13 -14.41 -11.56
CA THR A 77 17.16 -15.80 -11.13
C THR A 77 17.98 -15.97 -9.86
N THR A 78 18.81 -14.98 -9.56
CA THR A 78 19.65 -15.02 -8.37
C THR A 78 18.82 -15.23 -7.11
N THR A 79 18.15 -14.16 -6.68
CA THR A 79 17.32 -14.23 -5.48
C THR A 79 15.83 -14.30 -5.85
N GLY A 80 15.53 -14.02 -7.11
CA GLY A 80 14.15 -14.07 -7.56
C GLY A 80 13.36 -12.86 -7.12
N THR A 81 13.86 -11.67 -7.46
CA THR A 81 13.20 -10.42 -7.10
C THR A 81 13.48 -9.33 -8.12
N ARG A 82 12.59 -8.35 -8.20
CA ARG A 82 12.74 -7.24 -9.13
C ARG A 82 12.80 -5.91 -8.39
N SER A 83 13.86 -5.15 -8.62
CA SER A 83 14.02 -3.85 -7.97
C SER A 83 13.98 -2.72 -9.00
N ARG A 84 13.66 -1.52 -8.52
CA ARG A 84 13.59 -0.35 -9.39
C ARG A 84 14.26 0.85 -8.76
N SER A 85 14.91 1.67 -9.58
CA SER A 85 15.59 2.87 -9.09
C SER A 85 14.97 4.13 -9.67
N GLY A 86 14.60 5.05 -8.79
CA GLY A 86 13.99 6.30 -9.23
C GLY A 86 14.87 7.50 -8.93
N THR A 87 14.79 8.52 -9.79
CA THR A 87 15.58 9.73 -9.62
C THR A 87 14.75 10.85 -8.99
N LEU A 88 15.41 11.73 -8.26
CA LEU A 88 14.73 12.84 -7.60
C LEU A 88 14.13 13.79 -8.63
N LYS A 89 12.95 14.31 -8.34
CA LYS A 89 12.26 15.23 -9.24
C LYS A 89 12.16 16.62 -8.61
N LYS A 90 11.59 16.69 -7.40
CA LYS A 90 11.43 17.96 -6.70
C LYS A 90 11.26 17.72 -5.20
N ALA A 91 11.66 18.70 -4.40
CA ALA A 91 11.54 18.60 -2.96
C ALA A 91 10.56 19.63 -2.42
N LEU A 92 10.02 19.37 -1.23
CA LEU A 92 9.05 20.26 -0.61
C LEU A 92 9.14 20.18 0.92
N PHE A 93 8.61 19.10 1.47
CA PHE A 93 8.63 18.90 2.92
C PHE A 93 9.62 17.79 3.30
N ASN A 94 9.54 17.35 4.55
CA ASN A 94 10.42 16.31 5.04
C ASN A 94 11.87 16.79 5.09
N ALA A 95 12.05 18.10 4.98
CA ALA A 95 13.38 18.69 5.00
C ALA A 95 14.19 18.29 3.77
N GLU A 96 14.72 17.07 3.79
CA GLU A 96 15.52 16.57 2.67
C GLU A 96 15.17 15.12 2.37
N CYS A 97 14.76 14.86 1.13
CA CYS A 97 14.39 13.52 0.70
C CYS A 97 15.51 12.89 -0.13
N GLN A 98 15.60 11.56 -0.08
CA GLN A 98 16.63 10.84 -0.82
C GLN A 98 16.52 11.14 -2.32
N THR A 99 17.65 11.47 -2.93
CA THR A 99 17.68 11.78 -4.36
C THR A 99 17.53 10.52 -5.20
N THR A 100 17.48 9.36 -4.52
CA THR A 100 17.34 8.09 -5.21
C THR A 100 16.55 7.10 -4.36
N ILE A 101 15.77 6.25 -5.03
CA ILE A 101 14.96 5.25 -4.33
C ILE A 101 15.39 3.83 -4.70
N LYS A 102 15.42 2.95 -3.71
CA LYS A 102 15.82 1.57 -3.94
C LYS A 102 14.74 0.61 -3.43
N VAL A 103 13.82 0.24 -4.31
CA VAL A 103 12.74 -0.68 -3.96
C VAL A 103 12.94 -2.04 -4.62
N SER A 104 12.43 -3.08 -3.96
CA SER A 104 12.55 -4.44 -4.48
C SER A 104 11.34 -5.28 -4.08
N LYS A 105 11.02 -6.27 -4.91
CA LYS A 105 9.88 -7.15 -4.64
C LYS A 105 10.13 -8.54 -5.20
N PRO A 106 10.22 -9.54 -4.31
CA PRO A 106 10.46 -10.94 -4.69
C PRO A 106 9.27 -11.55 -5.41
N CYS A 107 9.48 -11.97 -6.66
CA CYS A 107 8.41 -12.57 -7.45
C CYS A 107 8.87 -13.90 -8.05
N THR A 108 7.91 -14.74 -8.42
CA THR A 108 8.21 -16.04 -9.00
C THR A 108 8.40 -15.95 -10.51
N PRO A 109 9.27 -16.79 -11.07
CA PRO A 109 9.56 -16.82 -12.50
C PRO A 109 8.38 -17.35 -13.32
N LYS A 110 7.79 -18.45 -12.84
CA LYS A 110 6.66 -19.07 -13.52
C LYS A 110 5.40 -18.24 -13.31
N THR A 111 5.25 -17.17 -14.08
CA THR A 111 4.09 -16.31 -13.98
C THR A 111 2.83 -17.02 -14.46
N PRO A 112 2.83 -17.44 -15.74
CA PRO A 112 1.70 -18.15 -16.34
C PRO A 112 1.52 -19.55 -15.77
N LYS A 113 0.27 -20.00 -15.69
CA LYS A 113 -0.04 -21.33 -15.18
C LYS A 113 -0.84 -22.14 -16.19
N PRO A 114 -0.15 -22.56 -17.27
CA PRO A 114 -0.77 -23.36 -18.33
C PRO A 114 -1.13 -24.77 -17.86
N LYS A 115 -2.27 -24.90 -17.19
CA LYS A 115 -2.73 -26.18 -16.69
C LYS A 115 -4.25 -26.23 -16.62
N GLY A 116 -4.87 -26.96 -17.54
CA GLY A 116 -6.32 -27.07 -17.56
C GLY A 116 -6.81 -28.06 -18.61
N GLY A 117 -8.13 -28.20 -18.69
CA GLY A 117 -8.70 -29.13 -19.65
C GLY A 117 -8.48 -30.58 -19.27
N GLU A 118 -7.57 -31.24 -19.97
CA GLU A 118 -7.26 -32.63 -19.70
C GLU A 118 -8.49 -33.52 -19.91
N LYS A 119 -8.31 -34.82 -19.75
CA LYS A 119 -9.41 -35.76 -19.92
C LYS A 119 -9.96 -35.72 -21.35
N LYS A 120 -10.94 -36.57 -21.63
CA LYS A 120 -11.55 -36.62 -22.94
C LYS A 120 -12.77 -37.54 -22.95
N LYS A 121 -13.66 -37.34 -23.91
CA LYS A 121 -14.87 -38.15 -24.02
C LYS A 121 -15.49 -38.00 -25.41
N GLY A 122 -16.30 -38.99 -25.79
CA GLY A 122 -16.94 -38.96 -27.09
C GLY A 122 -17.93 -40.09 -27.28
N LYS A 123 -18.17 -40.48 -28.52
CA LYS A 123 -19.09 -41.56 -28.83
C LYS A 123 -20.51 -41.20 -28.38
N GLY A 124 -21.47 -42.06 -28.71
CA GLY A 124 -22.84 -41.82 -28.33
C GLY A 124 -23.83 -42.29 -29.39
N LYS A 125 -24.44 -43.44 -29.14
CA LYS A 125 -25.41 -44.00 -30.08
C LYS A 125 -26.22 -45.11 -29.43
N GLU A 126 -26.55 -44.93 -28.15
CA GLU A 126 -27.32 -45.93 -27.40
C GLU A 126 -28.68 -46.16 -28.07
N ASN A 127 -28.95 -47.41 -28.43
CA ASN A 127 -30.21 -47.77 -29.06
C ASN A 127 -30.42 -46.96 -30.34
N GLY A 1 66.64 -20.12 19.55
CA GLY A 1 65.29 -20.37 19.09
C GLY A 1 64.27 -19.46 19.75
N SER A 2 63.01 -19.60 19.35
CA SER A 2 61.94 -18.79 19.91
C SER A 2 61.59 -19.22 21.33
N MET A 3 61.08 -20.45 21.45
CA MET A 3 60.70 -20.99 22.75
C MET A 3 59.62 -20.15 23.40
N LYS A 4 59.12 -20.61 24.54
CA LYS A 4 58.07 -19.90 25.26
C LYS A 4 56.84 -19.69 24.37
N LYS A 5 56.04 -20.72 24.23
CA LYS A 5 54.83 -20.66 23.41
C LYS A 5 53.66 -20.09 24.21
N LYS A 6 52.54 -19.87 23.54
CA LYS A 6 51.35 -19.34 24.18
C LYS A 6 50.41 -20.47 24.62
N GLU A 7 49.68 -20.24 25.71
CA GLU A 7 48.75 -21.23 26.22
C GLU A 7 47.58 -20.57 26.94
N LYS A 8 46.75 -21.38 27.58
CA LYS A 8 45.59 -20.87 28.32
C LYS A 8 44.63 -20.16 27.37
N GLY A 9 43.46 -19.80 27.89
CA GLY A 9 42.46 -19.12 27.09
C GLY A 9 41.08 -19.72 27.23
N LYS A 10 40.06 -18.88 27.17
CA LYS A 10 38.68 -19.34 27.29
C LYS A 10 37.87 -18.98 26.06
N GLU A 11 37.43 -20.01 25.33
CA GLU A 11 36.64 -19.80 24.12
C GLU A 11 35.24 -19.30 24.45
N PRO A 12 34.64 -18.56 23.51
CA PRO A 12 33.29 -18.00 23.68
C PRO A 12 32.21 -19.07 23.67
N LYS A 13 31.25 -18.97 24.59
CA LYS A 13 30.17 -19.93 24.69
C LYS A 13 29.29 -19.88 23.45
N ALA A 14 28.78 -21.05 23.05
CA ALA A 14 27.93 -21.14 21.88
C ALA A 14 26.64 -20.36 22.07
N ASP A 15 26.16 -20.31 23.31
CA ASP A 15 24.93 -19.58 23.63
C ASP A 15 23.74 -20.20 22.90
N ALA A 16 22.56 -19.65 23.15
CA ALA A 16 21.34 -20.14 22.52
C ALA A 16 20.21 -19.11 22.65
N GLU A 17 20.31 -18.04 21.89
CA GLU A 17 19.29 -16.98 21.92
C GLU A 17 18.50 -16.96 20.61
N CYS A 18 17.23 -16.59 20.72
CA CYS A 18 16.35 -16.53 19.54
C CYS A 18 16.42 -15.15 18.90
N SER A 19 17.23 -15.04 17.85
CA SER A 19 17.40 -13.77 17.15
C SER A 19 16.32 -13.62 16.08
N GLU A 20 15.86 -14.73 15.53
CA GLU A 20 14.84 -14.72 14.49
C GLU A 20 13.45 -14.91 15.10
N TRP A 21 12.86 -13.81 15.56
CA TRP A 21 11.53 -13.85 16.17
C TRP A 21 10.44 -13.83 15.10
N GLN A 22 9.82 -14.98 14.87
CA GLN A 22 8.77 -15.08 13.87
C GLN A 22 7.61 -14.16 14.21
N TYR A 23 7.61 -12.98 13.59
CA TYR A 23 6.55 -12.00 13.83
C TYR A 23 5.32 -12.31 12.98
N GLY A 24 4.16 -12.34 13.62
CA GLY A 24 2.92 -12.62 12.91
C GLY A 24 2.37 -11.40 12.20
N LYS A 25 1.30 -11.60 11.44
CA LYS A 25 0.67 -10.50 10.70
C LYS A 25 0.20 -9.41 11.66
N CYS A 26 0.06 -8.19 11.13
CA CYS A 26 -0.39 -7.06 11.93
C CYS A 26 -1.84 -6.73 11.63
N VAL A 27 -2.72 -7.00 12.60
CA VAL A 27 -4.14 -6.73 12.45
C VAL A 27 -4.59 -5.62 13.40
N PRO A 28 -5.29 -4.61 12.85
CA PRO A 28 -5.79 -3.48 13.63
C PRO A 28 -6.94 -3.87 14.56
N ASN A 29 -7.68 -4.90 14.16
CA ASN A 29 -8.81 -5.38 14.94
C ASN A 29 -9.94 -4.36 14.96
N SER A 30 -9.76 -3.29 15.73
CA SER A 30 -10.77 -2.24 15.84
C SER A 30 -10.51 -1.14 14.82
N GLY A 31 -11.56 -0.75 14.10
CA GLY A 31 -11.43 0.30 13.09
C GLY A 31 -11.24 -0.26 11.70
N ASP A 32 -10.59 0.50 10.84
CA ASP A 32 -10.34 0.08 9.47
C ASP A 32 -8.92 -0.45 9.30
N CYS A 33 -7.94 0.44 9.38
CA CYS A 33 -6.54 0.05 9.25
C CYS A 33 -5.63 1.04 9.99
N GLY A 34 -4.49 0.55 10.45
CA GLY A 34 -3.55 1.39 11.16
C GLY A 34 -2.79 0.65 12.24
N ASN A 35 -2.76 1.20 13.44
CA ASN A 35 -2.05 0.57 14.55
C ASN A 35 -2.70 -0.74 14.95
N GLY A 36 -2.01 -1.85 14.70
CA GLY A 36 -2.54 -3.16 15.03
C GLY A 36 -1.63 -3.94 15.95
N ILE A 37 -1.93 -5.22 16.14
CA ILE A 37 -1.13 -6.07 17.00
C ILE A 37 -0.66 -7.32 16.26
N ARG A 38 0.52 -7.81 16.62
CA ARG A 38 1.08 -9.00 15.99
C ARG A 38 1.54 -10.01 17.04
N GLU A 39 1.40 -11.29 16.73
CA GLU A 39 1.80 -12.35 17.65
C GLU A 39 3.14 -12.96 17.22
N ALA A 40 4.05 -13.09 18.17
CA ALA A 40 5.36 -13.66 17.89
C ALA A 40 5.78 -14.64 18.99
N THR A 41 6.32 -15.78 18.57
CA THR A 41 6.76 -16.81 19.51
C THR A 41 8.17 -17.28 19.19
N CYS A 42 9.07 -17.14 20.16
CA CYS A 42 10.46 -17.55 20.00
C CYS A 42 11.08 -17.91 21.33
N ASN A 43 12.07 -18.81 21.30
CA ASN A 43 12.75 -19.25 22.51
C ASN A 43 11.84 -20.13 23.36
N GLU A 44 10.84 -19.51 23.97
CA GLU A 44 9.90 -20.23 24.81
C GLU A 44 8.89 -19.28 25.45
N GLN A 45 8.51 -18.24 24.70
CA GLN A 45 7.55 -17.26 25.20
C GLN A 45 6.84 -16.57 24.04
N THR A 46 5.66 -16.01 24.33
CA THR A 46 4.87 -15.32 23.31
C THR A 46 4.52 -13.91 23.76
N LYS A 47 4.86 -12.93 22.93
CA LYS A 47 4.58 -11.53 23.24
C LYS A 47 3.96 -10.82 22.03
N LYS A 48 3.07 -9.89 22.30
CA LYS A 48 2.41 -9.13 21.24
C LYS A 48 2.98 -7.72 21.14
N THR A 49 3.25 -7.29 19.91
CA THR A 49 3.80 -5.96 19.67
C THR A 49 2.83 -5.10 18.87
N LYS A 50 3.10 -3.79 18.83
CA LYS A 50 2.26 -2.86 18.11
C LYS A 50 2.91 -2.43 16.79
N CYS A 51 2.26 -2.78 15.69
CA CYS A 51 2.78 -2.43 14.36
C CYS A 51 1.67 -1.86 13.48
N LYS A 52 2.05 -0.99 12.56
CA LYS A 52 1.09 -0.37 11.64
C LYS A 52 1.00 -1.14 10.34
N VAL A 53 -0.20 -1.19 9.77
CA VAL A 53 -0.42 -1.91 8.52
C VAL A 53 -0.22 -0.98 7.32
N PRO A 54 0.17 -1.57 6.18
CA PRO A 54 0.40 -0.82 4.94
C PRO A 54 -0.90 -0.29 4.34
N CYS A 55 -1.40 0.79 4.91
CA CYS A 55 -2.65 1.40 4.43
C CYS A 55 -2.36 2.73 3.73
N ASN A 56 -3.38 3.27 3.06
CA ASN A 56 -3.24 4.54 2.35
C ASN A 56 -3.13 5.70 3.34
N TRP A 57 -4.18 5.89 4.13
CA TRP A 57 -4.21 6.96 5.12
C TRP A 57 -4.29 8.32 4.44
N LYS A 58 -3.17 8.78 3.89
CA LYS A 58 -3.12 10.07 3.20
C LYS A 58 -3.48 11.20 4.16
N LYS A 59 -3.32 12.43 3.68
CA LYS A 59 -3.64 13.61 4.49
C LYS A 59 -2.92 13.56 5.83
N ASP A 60 -3.30 14.47 6.73
CA ASP A 60 -2.68 14.52 8.04
C ASP A 60 -1.19 14.86 7.95
N PHE A 61 -0.87 15.82 7.09
CA PHE A 61 0.52 16.23 6.90
C PHE A 61 1.36 15.08 6.36
N GLY A 62 2.57 15.38 5.91
CA GLY A 62 3.45 14.36 5.39
C GLY A 62 4.72 14.94 4.78
N ALA A 63 5.68 14.07 4.46
CA ALA A 63 6.93 14.51 3.87
C ALA A 63 6.70 15.18 2.52
N ASP A 64 5.68 14.72 1.80
CA ASP A 64 5.35 15.29 0.50
C ASP A 64 6.58 15.34 -0.40
N CYS A 65 6.83 14.24 -1.11
CA CYS A 65 7.99 14.17 -2.00
C CYS A 65 7.59 13.52 -3.33
N LYS A 66 8.17 14.02 -4.42
CA LYS A 66 7.90 13.49 -5.74
C LYS A 66 9.03 12.59 -6.22
N TYR A 67 8.70 11.32 -6.47
CA TYR A 67 9.69 10.35 -6.92
C TYR A 67 9.39 9.89 -8.35
N LYS A 68 10.43 9.50 -9.07
CA LYS A 68 10.27 9.03 -10.44
C LYS A 68 10.47 7.52 -10.54
N PHE A 69 9.37 6.81 -10.79
CA PHE A 69 9.42 5.36 -10.91
C PHE A 69 9.28 4.92 -12.36
N GLY A 70 9.75 3.71 -12.65
CA GLY A 70 9.67 3.19 -14.01
C GLY A 70 9.47 1.69 -14.05
N ARG A 71 10.19 1.02 -14.94
CA ARG A 71 10.07 -0.43 -15.07
C ARG A 71 10.76 -1.14 -13.91
N TRP A 72 10.26 -2.31 -13.56
CA TRP A 72 10.83 -3.09 -12.46
C TRP A 72 11.94 -4.01 -12.96
N ALA A 73 12.59 -3.61 -14.06
CA ALA A 73 13.66 -4.40 -14.64
C ALA A 73 13.23 -5.85 -14.86
N GLU A 74 14.18 -6.68 -15.29
CA GLU A 74 13.90 -8.08 -15.54
C GLU A 74 13.77 -8.86 -14.23
N CYS A 75 13.40 -10.13 -14.35
CA CYS A 75 13.23 -10.99 -13.17
C CYS A 75 14.50 -11.80 -12.91
N ASP A 76 15.18 -11.48 -11.81
CA ASP A 76 16.41 -12.18 -11.45
C ASP A 76 16.10 -13.54 -10.84
N THR A 77 16.58 -14.59 -11.49
CA THR A 77 16.35 -15.96 -11.01
C THR A 77 17.14 -16.23 -9.74
N THR A 78 18.22 -15.48 -9.54
CA THR A 78 19.06 -15.64 -8.36
C THR A 78 18.24 -15.58 -7.09
N THR A 79 17.81 -14.37 -6.72
CA THR A 79 17.01 -14.18 -5.51
C THR A 79 15.52 -14.26 -5.82
N GLY A 80 15.19 -14.34 -7.11
CA GLY A 80 13.80 -14.42 -7.51
C GLY A 80 13.10 -13.07 -7.47
N THR A 81 13.86 -12.02 -7.13
CA THR A 81 13.31 -10.68 -7.04
C THR A 81 14.21 -9.68 -7.75
N ARG A 82 13.62 -8.58 -8.21
CA ARG A 82 14.36 -7.53 -8.90
C ARG A 82 14.30 -6.21 -8.14
N SER A 83 15.37 -5.42 -8.26
CA SER A 83 15.43 -4.13 -7.57
C SER A 83 15.28 -2.99 -8.57
N ARG A 84 14.61 -1.93 -8.13
CA ARG A 84 14.39 -0.76 -8.98
C ARG A 84 14.90 0.50 -8.31
N SER A 85 15.45 1.41 -9.11
CA SER A 85 15.98 2.67 -8.59
C SER A 85 15.17 3.85 -9.09
N GLY A 86 14.68 4.66 -8.15
CA GLY A 86 13.88 5.83 -8.52
C GLY A 86 14.59 7.13 -8.20
N THR A 87 14.28 8.17 -8.97
CA THR A 87 14.89 9.48 -8.76
C THR A 87 13.84 10.53 -8.43
N LEU A 88 14.01 11.21 -7.31
CA LEU A 88 13.08 12.25 -6.88
C LEU A 88 13.61 13.63 -7.22
N LYS A 89 12.71 14.52 -7.64
CA LYS A 89 13.09 15.89 -7.99
C LYS A 89 12.61 16.87 -6.93
N LYS A 90 11.30 16.86 -6.67
CA LYS A 90 10.71 17.75 -5.68
C LYS A 90 10.88 17.20 -4.27
N ALA A 91 11.46 18.00 -3.40
CA ALA A 91 11.68 17.59 -2.02
C ALA A 91 10.56 18.10 -1.10
N LEU A 92 10.44 19.41 -1.00
CA LEU A 92 9.42 20.02 -0.16
C LEU A 92 9.60 19.63 1.30
N PHE A 93 8.90 20.33 2.18
CA PHE A 93 8.99 20.05 3.61
C PHE A 93 10.44 19.99 4.07
N ASN A 94 11.06 21.16 4.23
CA ASN A 94 12.45 21.25 4.66
C ASN A 94 13.39 20.90 3.51
N ALA A 95 12.82 20.54 2.36
CA ALA A 95 13.61 20.20 1.19
C ALA A 95 14.76 19.27 1.56
N GLU A 96 14.48 17.98 1.61
CA GLU A 96 15.49 16.99 1.96
C GLU A 96 14.93 15.57 1.85
N CYS A 97 14.88 15.05 0.63
CA CYS A 97 14.36 13.72 0.39
C CYS A 97 15.37 12.87 -0.38
N GLN A 98 15.37 11.57 -0.13
CA GLN A 98 16.29 10.65 -0.80
C GLN A 98 16.13 10.72 -2.31
N THR A 99 17.19 11.12 -3.00
CA THR A 99 17.17 11.23 -4.44
C THR A 99 17.28 9.86 -5.11
N THR A 100 17.40 8.81 -4.28
CA THR A 100 17.52 7.45 -4.79
C THR A 100 16.76 6.47 -3.91
N ILE A 101 15.96 5.62 -4.55
CA ILE A 101 15.17 4.63 -3.82
C ILE A 101 15.63 3.21 -4.16
N LYS A 102 15.59 2.34 -3.15
CA LYS A 102 16.01 0.95 -3.34
C LYS A 102 14.87 -0.01 -2.97
N VAL A 103 14.06 -0.36 -3.97
CA VAL A 103 12.94 -1.27 -3.74
C VAL A 103 13.21 -2.63 -4.39
N SER A 104 12.51 -3.65 -3.91
CA SER A 104 12.68 -5.00 -4.43
C SER A 104 11.37 -5.79 -4.32
N LYS A 105 11.07 -6.57 -5.35
CA LYS A 105 9.85 -7.38 -5.37
C LYS A 105 10.04 -8.63 -6.22
N PRO A 106 9.56 -9.77 -5.71
CA PRO A 106 9.66 -11.05 -6.40
C PRO A 106 8.77 -11.11 -7.64
N CYS A 107 9.35 -11.52 -8.76
CA CYS A 107 8.60 -11.63 -10.01
C CYS A 107 9.10 -12.80 -10.85
N THR A 108 8.18 -13.44 -11.57
CA THR A 108 8.53 -14.58 -12.41
C THR A 108 8.78 -14.15 -13.85
N PRO A 109 9.70 -14.86 -14.53
CA PRO A 109 10.05 -14.56 -15.93
C PRO A 109 8.92 -14.92 -16.89
N LYS A 110 8.29 -16.06 -16.66
CA LYS A 110 7.19 -16.50 -17.51
C LYS A 110 6.00 -16.97 -16.66
N THR A 111 5.02 -17.59 -17.31
CA THR A 111 3.83 -18.07 -16.62
C THR A 111 4.16 -19.29 -15.76
N PRO A 112 3.28 -19.57 -14.78
CA PRO A 112 3.46 -20.70 -13.87
C PRO A 112 3.25 -22.05 -14.56
N LYS A 113 4.32 -22.83 -14.66
CA LYS A 113 4.25 -24.13 -15.30
C LYS A 113 4.84 -25.21 -14.39
N PRO A 114 4.15 -25.50 -13.28
CA PRO A 114 4.59 -26.52 -12.32
C PRO A 114 4.47 -27.93 -12.88
N LYS A 115 5.56 -28.44 -13.43
CA LYS A 115 5.58 -29.78 -14.00
C LYS A 115 5.39 -30.83 -12.91
N GLY A 116 4.19 -31.39 -12.84
CA GLY A 116 3.90 -32.41 -11.84
C GLY A 116 2.52 -33.02 -12.02
N GLY A 117 2.29 -34.14 -11.34
CA GLY A 117 1.01 -34.82 -11.46
C GLY A 117 -0.05 -34.17 -10.60
N GLU A 118 -0.17 -34.64 -9.35
CA GLU A 118 -1.17 -34.10 -8.43
C GLU A 118 -0.79 -34.41 -6.99
N LYS A 119 -1.69 -34.07 -6.07
CA LYS A 119 -1.46 -34.32 -4.65
C LYS A 119 -1.63 -35.79 -4.31
N LYS A 120 -0.67 -36.33 -3.56
CA LYS A 120 -0.72 -37.74 -3.18
C LYS A 120 -2.01 -38.05 -2.42
N LYS A 121 -2.66 -39.15 -2.79
CA LYS A 121 -3.89 -39.56 -2.15
C LYS A 121 -4.24 -41.00 -2.49
N GLY A 122 -4.94 -41.68 -1.59
CA GLY A 122 -5.32 -43.06 -1.82
C GLY A 122 -6.77 -43.33 -1.47
N LYS A 123 -7.26 -44.51 -1.84
CA LYS A 123 -8.63 -44.90 -1.57
C LYS A 123 -8.71 -46.29 -0.96
N GLY A 124 -9.92 -46.82 -0.85
CA GLY A 124 -10.10 -48.15 -0.27
C GLY A 124 -10.97 -49.03 -1.14
N LYS A 125 -10.86 -50.34 -0.94
CA LYS A 125 -11.65 -51.29 -1.71
C LYS A 125 -13.12 -51.22 -1.35
N GLU A 126 -13.40 -50.81 -0.11
CA GLU A 126 -14.77 -50.68 0.37
C GLU A 126 -15.00 -49.33 1.03
N ASN A 127 -15.67 -48.43 0.31
CA ASN A 127 -15.95 -47.09 0.82
C ASN A 127 -17.31 -46.59 0.33
#